data_3UMV
#
_entry.id   3UMV
#
_cell.length_a   53.351
_cell.length_b   109.362
_cell.length_c   97.742
_cell.angle_alpha   90.00
_cell.angle_beta   93.59
_cell.angle_gamma   90.00
#
_symmetry.space_group_name_H-M   'P 1 21 1'
#
loop_
_entity.id
_entity.type
_entity.pdbx_description
1 polymer 'Deoxyribodipyrimidine photo-lyase'
2 non-polymer 1,2-ETHANEDIOL
3 non-polymer 'FLAVIN-ADENINE DINUCLEOTIDE'
4 non-polymer UREA
5 water water
#
_entity_poly.entity_id   1
_entity_poly.type   'polypeptide(L)'
_entity_poly.pdbx_seq_one_letter_code
;MPPTSVSPPRTAPGPANPSPAHPSRVRVIHPGGGKPGGPVVYWMLRDQRLADNWALLHAAGLAAASASPLAVAFALFPRP
FLLSARRRQLGFLLRGLRRLAADAAARHLPFFLFTGGPAEIPALVQRLGASTLVADFSPLRPVREALDAVVGDLRREAPG
VAVHQVDAHNVVPVWTASAKMEYSAKTFRGKVSKVMDEYLVEFPELPAVVPWDREQPEGVDWDALIARVCSEAENVPEID
WCEPGEEAAIEALLGSKDGFLTKRIKSYETDRNDPTKPRALSGLSPYLHFGHISAQRCALEAKKCRHLSPKSVDAFLEEL
VVRRELADNFCYYQPQYDSLSGAWEWARKTLMDHAADKREHIYTREQLENAKTHDPLWNASQLEMVHHGKMHGFMRMYWA
KKILEWTSGPEEALSTAIYLNDKYEIDGRDPSGYVGCMWSICGLHDQGWKERPVFGKIRYMNYAGCKRKFDVDAYISYVK
RLAGQSKKRNAEESPNPVVKLSKSQH
;
_entity_poly.pdbx_strand_id   A,B
#
# COMPACT_ATOMS: atom_id res chain seq x y z
N SER A 19 -0.89 -8.54 6.40
N SER A 19 -1.08 -8.63 5.45
CA SER A 19 -2.25 -9.06 6.44
CA SER A 19 -2.21 -8.95 6.32
C SER A 19 -3.26 -7.92 6.34
C SER A 19 -3.27 -7.88 6.27
N PRO A 20 -4.55 -8.28 6.22
CA PRO A 20 -5.66 -7.32 6.23
C PRO A 20 -5.77 -6.53 7.53
N ALA A 21 -5.18 -7.03 8.62
CA ALA A 21 -5.28 -6.36 9.92
C ALA A 21 -4.33 -5.17 10.02
N HIS A 22 -4.88 -4.03 10.46
CA HIS A 22 -4.06 -2.87 10.79
C HIS A 22 -2.95 -3.34 11.73
N PRO A 23 -1.69 -2.96 11.46
CA PRO A 23 -0.59 -3.42 12.32
C PRO A 23 -0.75 -3.08 13.80
N SER A 24 -1.45 -2.00 14.13
CA SER A 24 -1.63 -1.65 15.54
C SER A 24 -2.53 -2.68 16.24
N ARG A 25 -3.31 -3.43 15.46
CA ARG A 25 -4.15 -4.49 16.05
C ARG A 25 -3.36 -5.77 16.36
N VAL A 26 -2.12 -5.85 15.85
CA VAL A 26 -1.31 -7.06 15.94
C VAL A 26 -0.12 -6.92 16.88
N ARG A 27 -0.06 -7.79 17.87
CA ARG A 27 1.05 -7.78 18.81
C ARG A 27 1.86 -9.05 18.58
N VAL A 28 3.09 -8.89 18.11
CA VAL A 28 3.97 -10.02 17.89
C VAL A 28 4.62 -10.40 19.21
N ILE A 29 4.17 -11.52 19.78
CA ILE A 29 4.64 -11.97 21.09
C ILE A 29 5.99 -12.65 20.94
N HIS A 30 6.12 -13.44 19.89
CA HIS A 30 7.38 -14.07 19.56
C HIS A 30 7.55 -14.14 18.06
N PRO A 31 8.65 -13.60 17.54
CA PRO A 31 8.88 -13.52 16.09
C PRO A 31 8.96 -14.89 15.40
N GLY A 32 9.46 -15.90 16.10
CA GLY A 32 9.62 -17.22 15.50
C GLY A 32 10.75 -17.20 14.49
N GLY A 33 10.77 -18.20 13.62
CA GLY A 33 11.80 -18.31 12.59
C GLY A 33 11.63 -19.57 11.77
N GLY A 34 12.43 -20.59 12.09
CA GLY A 34 12.36 -21.87 11.41
C GLY A 34 12.30 -21.74 9.90
N LYS A 35 11.20 -22.22 9.33
CA LYS A 35 10.99 -22.11 7.88
C LYS A 35 9.51 -22.03 7.55
N PRO A 36 9.14 -21.08 6.68
CA PRO A 36 7.75 -20.90 6.23
C PRO A 36 7.27 -22.13 5.47
N GLY A 37 5.99 -22.14 5.11
CA GLY A 37 5.41 -23.29 4.45
C GLY A 37 4.59 -24.10 5.45
N GLY A 38 4.84 -23.87 6.74
CA GLY A 38 4.08 -24.53 7.78
C GLY A 38 2.71 -23.88 7.97
N PRO A 39 1.72 -24.68 8.39
CA PRO A 39 0.35 -24.20 8.62
C PRO A 39 0.29 -23.00 9.55
N VAL A 40 -0.75 -22.17 9.38
CA VAL A 40 -1.06 -21.13 10.34
C VAL A 40 -2.28 -21.60 11.14
N VAL A 41 -2.19 -21.47 12.46
CA VAL A 41 -3.29 -21.89 13.33
C VAL A 41 -3.84 -20.69 14.08
N TYR A 42 -5.15 -20.44 13.97
CA TYR A 42 -5.82 -19.43 14.76
C TYR A 42 -6.45 -20.12 15.98
N TRP A 43 -5.90 -19.82 17.14
CA TRP A 43 -6.48 -20.26 18.40
C TRP A 43 -7.61 -19.31 18.76
N MET A 44 -8.83 -19.72 18.43
CA MET A 44 -10.03 -18.94 18.73
C MET A 44 -10.40 -19.11 20.19
N LEU A 45 -10.62 -18.00 20.89
CA LEU A 45 -11.10 -18.06 22.26
C LEU A 45 -12.20 -17.04 22.51
N ARG A 46 -11.87 -15.76 22.46
CA ARG A 46 -12.87 -14.73 22.74
C ARG A 46 -13.82 -14.48 21.58
N ASP A 47 -13.35 -14.64 20.35
CA ASP A 47 -14.15 -14.20 19.22
C ASP A 47 -14.67 -15.37 18.39
N GLN A 48 -15.78 -15.93 18.85
CA GLN A 48 -16.34 -17.16 18.33
C GLN A 48 -17.23 -16.92 17.12
N ARG A 49 -16.57 -16.51 16.03
CA ARG A 49 -17.22 -16.17 14.77
C ARG A 49 -16.19 -16.21 13.64
N LEU A 50 -16.65 -16.48 12.43
CA LEU A 50 -15.79 -16.45 11.25
C LEU A 50 -15.83 -15.09 10.55
N ALA A 51 -16.97 -14.40 10.62
CA ALA A 51 -17.08 -13.11 9.95
C ALA A 51 -16.52 -12.00 10.82
N ASP A 52 -16.05 -10.93 10.18
CA ASP A 52 -15.67 -9.73 10.92
C ASP A 52 -14.71 -10.02 12.08
N ASN A 53 -13.72 -10.88 11.83
CA ASN A 53 -12.83 -11.33 12.88
C ASN A 53 -11.37 -11.02 12.50
N TRP A 54 -10.80 -9.97 13.09
CA TRP A 54 -9.45 -9.56 12.69
C TRP A 54 -8.39 -10.60 12.96
N ALA A 55 -8.59 -11.45 13.95
CA ALA A 55 -7.59 -12.45 14.29
C ALA A 55 -7.57 -13.51 13.20
N LEU A 56 -8.75 -13.95 12.76
CA LEU A 56 -8.85 -14.91 11.68
C LEU A 56 -8.32 -14.32 10.35
N LEU A 57 -8.69 -13.08 10.06
CA LEU A 57 -8.22 -12.38 8.86
C LEU A 57 -6.69 -12.30 8.84
N HIS A 58 -6.09 -11.99 10.00
CA HIS A 58 -4.65 -11.93 10.11
C HIS A 58 -4.02 -13.29 9.84
N ALA A 59 -4.58 -14.35 10.44
CA ALA A 59 -4.07 -15.70 10.21
C ALA A 59 -4.15 -16.05 8.73
N ALA A 60 -5.30 -15.82 8.11
CA ALA A 60 -5.51 -16.12 6.70
C ALA A 60 -4.54 -15.32 5.86
N GLY A 61 -4.29 -14.08 6.22
CA GLY A 61 -3.36 -13.25 5.47
C GLY A 61 -1.93 -13.78 5.56
N LEU A 62 -1.57 -14.33 6.72
CA LEU A 62 -0.23 -14.91 6.90
C LEU A 62 -0.13 -16.19 6.08
N ALA A 63 -1.20 -16.98 6.12
CA ALA A 63 -1.29 -18.23 5.36
C ALA A 63 -1.17 -17.97 3.86
N ALA A 64 -2.02 -17.08 3.34
CA ALA A 64 -2.03 -16.75 1.91
C ALA A 64 -0.67 -16.27 1.41
N ALA A 65 -0.02 -15.43 2.20
CA ALA A 65 1.27 -14.86 1.81
C ALA A 65 2.42 -15.87 1.82
N SER A 66 2.27 -16.94 2.61
CA SER A 66 3.35 -17.92 2.73
C SER A 66 3.02 -19.23 2.03
N ALA A 67 1.92 -19.23 1.28
CA ALA A 67 1.48 -20.41 0.54
C ALA A 67 1.27 -21.61 1.45
N SER A 68 0.74 -21.36 2.65
CA SER A 68 0.56 -22.40 3.65
C SER A 68 -0.91 -22.53 4.00
N PRO A 69 -1.32 -23.70 4.53
CA PRO A 69 -2.71 -23.95 4.91
C PRO A 69 -3.08 -23.26 6.22
N LEU A 70 -4.39 -23.16 6.45
CA LEU A 70 -4.96 -22.41 7.58
C LEU A 70 -5.93 -23.28 8.35
N ALA A 71 -5.83 -23.27 9.67
CA ALA A 71 -6.74 -24.02 10.53
C ALA A 71 -7.20 -23.17 11.71
N VAL A 72 -8.39 -23.47 12.23
CA VAL A 72 -8.90 -22.83 13.44
C VAL A 72 -8.94 -23.89 14.54
N ALA A 73 -8.54 -23.50 15.75
CA ALA A 73 -8.59 -24.40 16.90
C ALA A 73 -9.27 -23.70 18.08
N PHE A 74 -10.16 -24.42 18.76
CA PHE A 74 -10.82 -23.88 19.95
C PHE A 74 -10.57 -24.80 21.13
N ALA A 75 -10.10 -24.25 22.24
CA ALA A 75 -9.93 -25.06 23.46
C ALA A 75 -10.97 -24.71 24.50
N LEU A 76 -11.80 -25.70 24.88
CA LEU A 76 -12.73 -25.53 25.99
C LEU A 76 -11.99 -25.80 27.30
N PHE A 77 -12.00 -24.85 28.24
CA PHE A 77 -11.43 -25.14 29.56
C PHE A 77 -12.28 -26.22 30.21
N PRO A 78 -11.64 -27.26 30.74
CA PRO A 78 -12.42 -28.35 31.36
C PRO A 78 -12.97 -27.95 32.74
N ARG A 79 -13.89 -28.77 33.27
CA ARG A 79 -14.45 -28.58 34.61
C ARG A 79 -13.34 -28.17 35.58
N PRO A 80 -13.57 -27.13 36.40
CA PRO A 80 -14.81 -26.38 36.66
C PRO A 80 -15.13 -25.30 35.60
N PHE A 81 -14.41 -25.29 34.49
CA PHE A 81 -14.70 -24.43 33.33
C PHE A 81 -14.23 -22.99 33.50
N LEU A 82 -14.18 -22.25 32.39
CA LEU A 82 -13.72 -20.87 32.43
C LEU A 82 -14.55 -20.03 33.39
N LEU A 83 -13.90 -19.53 34.44
CA LEU A 83 -14.55 -18.72 35.46
C LEU A 83 -15.86 -19.33 35.97
N SER A 84 -15.86 -20.64 36.13
CA SER A 84 -17.01 -21.36 36.68
C SER A 84 -18.30 -21.21 35.86
N ALA A 85 -18.17 -21.23 34.54
CA ALA A 85 -19.33 -21.28 33.66
C ALA A 85 -20.28 -22.39 34.13
N ARG A 86 -21.56 -22.10 34.06
CA ARG A 86 -22.62 -23.03 34.45
C ARG A 86 -23.31 -23.52 33.20
N ARG A 87 -24.29 -24.40 33.36
CA ARG A 87 -25.02 -24.96 32.22
C ARG A 87 -25.47 -23.88 31.25
N ARG A 88 -26.07 -22.82 31.79
CA ARG A 88 -26.58 -21.69 31.02
C ARG A 88 -25.55 -21.13 30.04
N GLN A 89 -24.35 -20.88 30.54
CA GLN A 89 -23.31 -20.29 29.69
C GLN A 89 -22.61 -21.29 28.80
N LEU A 90 -22.41 -22.50 29.32
CA LEU A 90 -21.79 -23.57 28.55
C LEU A 90 -22.67 -24.00 27.37
N GLY A 91 -23.98 -24.05 27.61
CA GLY A 91 -24.89 -24.50 26.58
C GLY A 91 -24.90 -23.51 25.43
N PHE A 92 -24.94 -22.23 25.77
CA PHE A 92 -24.93 -21.15 24.78
C PHE A 92 -23.64 -21.17 23.94
N LEU A 93 -22.49 -21.31 24.62
CA LEU A 93 -21.21 -21.31 23.94
C LEU A 93 -21.16 -22.51 22.99
N LEU A 94 -21.49 -23.69 23.49
CA LEU A 94 -21.33 -24.89 22.68
C LEU A 94 -22.31 -24.97 21.52
N ARG A 95 -23.56 -24.57 21.73
CA ARG A 95 -24.52 -24.57 20.63
C ARG A 95 -24.08 -23.55 19.57
N GLY A 96 -23.48 -22.43 20.02
CA GLY A 96 -22.91 -21.47 19.08
C GLY A 96 -21.73 -22.04 18.29
N LEU A 97 -20.89 -22.80 18.96
CA LEU A 97 -19.72 -23.40 18.31
C LEU A 97 -20.11 -24.51 17.35
N ARG A 98 -21.21 -25.21 17.66
CA ARG A 98 -21.73 -26.23 16.76
C ARG A 98 -22.10 -25.62 15.39
N ARG A 99 -22.74 -24.45 15.43
N ARG A 99 -22.71 -24.45 15.43
CA ARG A 99 -23.09 -23.72 14.23
CA ARG A 99 -23.10 -23.71 14.22
C ARG A 99 -21.84 -23.26 13.49
C ARG A 99 -21.88 -23.19 13.48
N LEU A 100 -20.89 -22.70 14.23
CA LEU A 100 -19.63 -22.23 13.64
C LEU A 100 -18.86 -23.36 12.95
N ALA A 101 -18.82 -24.52 13.60
CA ALA A 101 -18.14 -25.67 13.03
C ALA A 101 -18.77 -26.05 11.70
N ALA A 102 -20.09 -25.93 11.61
CA ALA A 102 -20.81 -26.24 10.37
C ALA A 102 -20.46 -25.23 9.28
N ASP A 103 -20.41 -23.95 9.63
CA ASP A 103 -20.01 -22.94 8.67
C ASP A 103 -18.56 -23.16 8.22
N ALA A 104 -17.73 -23.62 9.14
CA ALA A 104 -16.32 -23.83 8.85
C ALA A 104 -16.16 -24.92 7.80
N ALA A 105 -16.85 -26.03 8.00
CA ALA A 105 -16.74 -27.18 7.09
C ALA A 105 -17.27 -26.85 5.69
N ALA A 106 -18.38 -26.11 5.63
CA ALA A 106 -18.91 -25.70 4.34
C ALA A 106 -17.87 -24.88 3.56
N ARG A 107 -17.07 -24.10 4.29
CA ARG A 107 -16.00 -23.31 3.69
C ARG A 107 -14.70 -24.08 3.52
N HIS A 108 -14.69 -25.35 3.93
CA HIS A 108 -13.48 -26.16 3.92
C HIS A 108 -12.38 -25.58 4.81
N LEU A 109 -12.79 -24.89 5.87
CA LEU A 109 -11.89 -24.42 6.91
C LEU A 109 -11.94 -25.40 8.07
N PRO A 110 -10.82 -26.07 8.34
CA PRO A 110 -10.69 -27.08 9.39
C PRO A 110 -10.90 -26.46 10.76
N PHE A 111 -11.75 -27.08 11.58
CA PHE A 111 -12.00 -26.58 12.93
C PHE A 111 -11.65 -27.66 13.93
N PHE A 112 -10.58 -27.44 14.71
CA PHE A 112 -10.18 -28.37 15.76
C PHE A 112 -10.82 -28.00 17.09
N LEU A 113 -11.59 -28.93 17.67
CA LEU A 113 -12.19 -28.73 18.98
C LEU A 113 -11.47 -29.56 20.03
N PHE A 114 -10.95 -28.89 21.06
CA PHE A 114 -10.23 -29.56 22.14
C PHE A 114 -10.95 -29.37 23.48
N THR A 115 -11.36 -30.46 24.11
CA THR A 115 -12.09 -30.34 25.37
C THR A 115 -11.23 -30.62 26.62
N GLY A 116 -9.93 -30.86 26.40
CA GLY A 116 -9.02 -31.15 27.49
C GLY A 116 -8.37 -29.91 28.09
N GLY A 117 -8.36 -28.81 27.34
CA GLY A 117 -7.79 -27.57 27.83
C GLY A 117 -6.81 -26.98 26.85
N PRO A 118 -6.32 -25.76 27.15
CA PRO A 118 -5.38 -25.04 26.27
C PRO A 118 -4.06 -25.75 25.98
N ALA A 119 -3.64 -26.69 26.83
CA ALA A 119 -2.38 -27.42 26.58
C ALA A 119 -2.42 -28.22 25.26
N GLU A 120 -3.63 -28.50 24.80
CA GLU A 120 -3.81 -29.19 23.52
C GLU A 120 -3.42 -28.30 22.33
N ILE A 121 -3.41 -26.99 22.54
CA ILE A 121 -3.12 -26.02 21.49
C ILE A 121 -1.65 -26.13 21.05
N PRO A 122 -0.71 -26.03 22.00
CA PRO A 122 0.68 -26.20 21.58
C PRO A 122 0.95 -27.60 21.05
N ALA A 123 0.27 -28.60 21.61
CA ALA A 123 0.42 -29.96 21.11
C ALA A 123 0.07 -30.03 19.64
N LEU A 124 -1.05 -29.42 19.25
CA LEU A 124 -1.47 -29.42 17.86
C LEU A 124 -0.47 -28.67 16.98
N VAL A 125 -0.06 -27.49 17.43
CA VAL A 125 0.87 -26.66 16.67
C VAL A 125 2.13 -27.46 16.31
N GLN A 126 2.59 -28.30 17.24
CA GLN A 126 3.79 -29.10 17.00
C GLN A 126 3.57 -30.29 16.07
N ARG A 127 2.42 -30.97 16.20
CA ARG A 127 2.10 -32.08 15.31
C ARG A 127 2.02 -31.61 13.85
N LEU A 128 1.44 -30.43 13.66
CA LEU A 128 1.22 -29.88 12.32
C LEU A 128 2.47 -29.25 11.75
N GLY A 129 3.47 -29.05 12.59
CA GLY A 129 4.63 -28.27 12.19
C GLY A 129 4.23 -26.87 11.79
N ALA A 130 3.40 -26.22 12.61
CA ALA A 130 2.89 -24.89 12.31
C ALA A 130 3.99 -23.84 12.32
N SER A 131 3.85 -22.86 11.44
N SER A 131 3.85 -22.85 11.45
CA SER A 131 4.80 -21.76 11.37
CA SER A 131 4.82 -21.75 11.38
C SER A 131 4.38 -20.66 12.34
C SER A 131 4.39 -20.59 12.27
N THR A 132 3.08 -20.41 12.41
CA THR A 132 2.56 -19.34 13.26
C THR A 132 1.31 -19.74 14.02
N LEU A 133 1.26 -19.35 15.30
CA LEU A 133 0.04 -19.42 16.08
C LEU A 133 -0.50 -18.01 16.26
N VAL A 134 -1.77 -17.79 15.93
CA VAL A 134 -2.39 -16.48 16.15
C VAL A 134 -3.43 -16.62 17.24
N ALA A 135 -3.37 -15.77 18.26
CA ALA A 135 -4.41 -15.79 19.29
C ALA A 135 -5.21 -14.49 19.25
N ASP A 136 -6.45 -14.53 19.74
CA ASP A 136 -7.22 -13.31 19.96
C ASP A 136 -6.96 -12.77 21.37
N PHE A 137 -7.66 -11.71 21.74
CA PHE A 137 -7.33 -10.99 22.97
C PHE A 137 -8.46 -10.89 23.98
N SER A 138 -8.11 -11.19 25.24
CA SER A 138 -8.98 -10.91 26.38
C SER A 138 -8.11 -10.48 27.55
N PRO A 139 -8.57 -9.50 28.35
CA PRO A 139 -7.78 -9.06 29.49
C PRO A 139 -8.02 -9.91 30.75
N LEU A 140 -8.95 -10.85 30.68
CA LEU A 140 -9.28 -11.60 31.90
C LEU A 140 -8.10 -12.48 32.31
N ARG A 141 -7.81 -12.55 33.61
CA ARG A 141 -6.60 -13.24 34.03
C ARG A 141 -6.51 -14.72 33.64
N PRO A 142 -7.61 -15.49 33.70
CA PRO A 142 -7.37 -16.89 33.35
C PRO A 142 -7.02 -17.09 31.87
N VAL A 143 -7.50 -16.19 31.02
CA VAL A 143 -7.19 -16.27 29.60
C VAL A 143 -5.75 -15.84 29.29
N ARG A 144 -5.37 -14.68 29.85
CA ARG A 144 -4.00 -14.19 29.74
C ARG A 144 -3.01 -15.21 30.28
N GLU A 145 -3.34 -15.87 31.38
CA GLU A 145 -2.43 -16.86 31.95
C GLU A 145 -2.32 -18.09 31.06
N ALA A 146 -3.44 -18.47 30.46
CA ALA A 146 -3.40 -19.61 29.53
C ALA A 146 -2.60 -19.28 28.28
N LEU A 147 -2.70 -18.04 27.78
CA LEU A 147 -1.91 -17.67 26.62
C LEU A 147 -0.44 -17.71 26.97
N ASP A 148 -0.10 -17.09 28.09
CA ASP A 148 1.29 -17.05 28.55
C ASP A 148 1.89 -18.44 28.70
N ALA A 149 1.11 -19.39 29.22
CA ALA A 149 1.60 -20.75 29.43
C ALA A 149 1.83 -21.46 28.10
N VAL A 150 0.95 -21.21 27.14
CA VAL A 150 1.12 -21.74 25.80
C VAL A 150 2.33 -21.15 25.10
N VAL A 151 2.55 -19.85 25.30
CA VAL A 151 3.71 -19.17 24.73
C VAL A 151 4.99 -19.77 25.30
N GLY A 152 4.99 -20.00 26.61
CA GLY A 152 6.13 -20.62 27.27
C GLY A 152 6.37 -22.05 26.81
N ASP A 153 5.31 -22.82 26.63
CA ASP A 153 5.44 -24.18 26.13
C ASP A 153 6.09 -24.16 24.75
N LEU A 154 5.58 -23.31 23.87
CA LEU A 154 6.14 -23.20 22.53
C LEU A 154 7.56 -22.64 22.53
N ARG A 155 7.84 -21.68 23.41
CA ARG A 155 9.17 -21.10 23.47
C ARG A 155 10.22 -22.18 23.75
N ARG A 156 9.85 -23.10 24.63
CA ARG A 156 10.77 -24.13 25.09
C ARG A 156 10.90 -25.32 24.13
N GLU A 157 9.79 -25.68 23.48
CA GLU A 157 9.74 -26.88 22.65
C GLU A 157 9.73 -26.60 21.14
N ALA A 158 9.37 -25.38 20.76
CA ALA A 158 9.34 -25.01 19.34
C ALA A 158 9.59 -23.52 19.14
N PRO A 159 10.81 -23.06 19.49
CA PRO A 159 11.14 -21.62 19.44
C PRO A 159 11.03 -21.02 18.03
N GLY A 160 10.97 -21.87 17.02
CA GLY A 160 10.85 -21.41 15.66
C GLY A 160 9.44 -20.97 15.33
N VAL A 161 8.48 -21.37 16.16
CA VAL A 161 7.09 -21.02 15.92
C VAL A 161 6.81 -19.59 16.35
N ALA A 162 6.20 -18.84 15.44
CA ALA A 162 5.85 -17.46 15.72
C ALA A 162 4.52 -17.42 16.47
N VAL A 163 4.39 -16.49 17.40
CA VAL A 163 3.11 -16.31 18.09
C VAL A 163 2.68 -14.84 17.98
N HIS A 164 1.48 -14.61 17.42
CA HIS A 164 0.95 -13.26 17.29
C HIS A 164 -0.37 -13.21 18.05
N GLN A 165 -0.65 -12.07 18.68
CA GLN A 165 -1.97 -11.83 19.27
C GLN A 165 -2.64 -10.65 18.57
N VAL A 166 -3.92 -10.80 18.27
CA VAL A 166 -4.64 -9.78 17.56
C VAL A 166 -5.83 -9.36 18.42
N ASP A 167 -6.01 -8.06 18.64
CA ASP A 167 -7.25 -7.62 19.26
C ASP A 167 -8.35 -7.63 18.22
N ALA A 168 -9.20 -8.65 18.32
CA ALA A 168 -10.32 -8.82 17.41
C ALA A 168 -11.63 -8.35 18.04
N HIS A 169 -11.59 -7.96 19.30
CA HIS A 169 -12.82 -7.64 20.04
C HIS A 169 -13.11 -6.14 20.10
N ASN A 170 -12.08 -5.32 20.14
CA ASN A 170 -12.27 -3.90 20.30
C ASN A 170 -12.10 -3.18 18.96
N VAL A 171 -12.83 -2.09 18.76
CA VAL A 171 -12.67 -1.26 17.56
C VAL A 171 -11.29 -0.67 17.54
N VAL A 172 -10.90 -0.05 18.66
CA VAL A 172 -9.56 0.49 18.79
C VAL A 172 -8.77 -0.50 19.64
N PRO A 173 -7.63 -0.99 19.13
CA PRO A 173 -6.84 -1.99 19.88
C PRO A 173 -6.57 -1.53 21.30
N VAL A 174 -6.73 -2.45 22.26
CA VAL A 174 -6.63 -2.10 23.68
C VAL A 174 -5.29 -1.43 24.05
N TRP A 175 -4.19 -1.88 23.46
CA TRP A 175 -2.87 -1.33 23.82
C TRP A 175 -2.60 0.00 23.10
N THR A 176 -3.45 0.32 22.11
CA THR A 176 -3.32 1.55 21.36
C THR A 176 -4.28 2.63 21.86
N ALA A 177 -5.47 2.23 22.32
CA ALA A 177 -6.48 3.21 22.70
C ALA A 177 -5.94 4.16 23.77
N SER A 178 -5.33 3.57 24.77
CA SER A 178 -4.64 4.32 25.80
C SER A 178 -3.45 3.50 26.28
N ALA A 179 -2.44 4.19 26.76
CA ALA A 179 -1.26 3.55 27.32
C ALA A 179 -1.45 3.28 28.82
N LYS A 180 -2.59 3.69 29.36
CA LYS A 180 -2.81 3.52 30.79
C LYS A 180 -4.29 3.30 31.12
N MET A 181 -4.57 2.87 32.35
CA MET A 181 -5.96 2.76 32.77
C MET A 181 -6.53 4.17 32.89
N GLU A 182 -7.68 4.40 32.26
CA GLU A 182 -8.29 5.72 32.24
C GLU A 182 -9.25 5.94 33.41
N TYR A 183 -9.34 7.18 33.87
CA TYR A 183 -10.23 7.49 35.00
C TYR A 183 -11.72 7.23 34.69
N SER A 184 -12.16 7.60 33.51
CA SER A 184 -13.57 7.55 33.16
C SER A 184 -13.85 7.48 31.66
N ALA A 185 -15.14 7.38 31.33
CA ALA A 185 -15.56 7.40 29.93
C ALA A 185 -15.14 8.69 29.26
N LYS A 186 -15.26 9.80 29.98
CA LYS A 186 -14.87 11.08 29.39
C LYS A 186 -13.42 11.08 28.93
N THR A 187 -12.52 10.69 29.82
CA THR A 187 -11.09 10.73 29.49
C THR A 187 -10.73 9.67 28.46
N PHE A 188 -11.40 8.53 28.52
CA PHE A 188 -11.20 7.49 27.54
C PHE A 188 -11.72 7.93 26.16
N ARG A 189 -12.90 8.54 26.12
CA ARG A 189 -13.46 9.04 24.87
C ARG A 189 -12.54 10.06 24.20
N GLY A 190 -11.89 10.89 25.01
CA GLY A 190 -11.00 11.90 24.48
C GLY A 190 -9.92 11.26 23.63
N LYS A 191 -9.42 10.12 24.07
CA LYS A 191 -8.36 9.43 23.34
C LYS A 191 -8.85 8.68 22.11
N VAL A 192 -9.92 7.90 22.26
CA VAL A 192 -10.39 7.08 21.15
C VAL A 192 -11.08 7.87 20.03
N SER A 193 -11.76 8.96 20.37
CA SER A 193 -12.45 9.72 19.34
C SER A 193 -11.46 10.25 18.31
N LYS A 194 -10.23 10.51 18.74
CA LYS A 194 -9.17 10.98 17.84
C LYS A 194 -8.76 9.99 16.76
N VAL A 195 -8.89 8.71 17.05
CA VAL A 195 -8.45 7.67 16.13
C VAL A 195 -9.62 6.81 15.66
N MET A 196 -10.84 7.23 15.97
CA MET A 196 -12.00 6.43 15.64
C MET A 196 -12.13 6.25 14.14
N ASP A 197 -11.90 7.32 13.37
CA ASP A 197 -12.00 7.24 11.91
C ASP A 197 -10.98 6.26 11.32
N GLU A 198 -9.83 6.12 11.98
CA GLU A 198 -8.80 5.19 11.53
C GLU A 198 -9.12 3.72 11.77
N TYR A 199 -9.93 3.42 12.79
CA TYR A 199 -10.20 2.03 13.17
C TYR A 199 -11.61 1.52 12.89
N LEU A 200 -12.58 2.44 12.87
CA LEU A 200 -13.95 2.05 12.55
C LEU A 200 -14.15 1.98 11.04
N VAL A 201 -13.67 0.88 10.48
CA VAL A 201 -13.60 0.68 9.03
C VAL A 201 -14.19 -0.68 8.69
N GLU A 202 -14.48 -0.91 7.42
CA GLU A 202 -15.08 -2.17 7.01
C GLU A 202 -14.08 -3.31 7.09
N PHE A 203 -14.61 -4.52 7.11
CA PHE A 203 -13.81 -5.74 7.10
C PHE A 203 -13.69 -6.30 5.69
N PRO A 204 -12.49 -6.69 5.27
CA PRO A 204 -12.37 -7.38 3.98
C PRO A 204 -12.82 -8.82 4.13
N GLU A 205 -12.95 -9.53 3.01
CA GLU A 205 -13.23 -10.96 3.03
C GLU A 205 -11.94 -11.71 3.29
N LEU A 206 -12.07 -12.93 3.81
CA LEU A 206 -10.91 -13.80 4.02
C LEU A 206 -10.15 -14.03 2.71
N PRO A 207 -8.83 -13.77 2.73
CA PRO A 207 -7.95 -14.12 1.61
C PRO A 207 -8.05 -15.62 1.34
N ALA A 208 -7.96 -16.01 0.08
CA ALA A 208 -7.98 -17.43 -0.25
C ALA A 208 -6.69 -18.07 0.25
N VAL A 209 -6.79 -19.33 0.68
CA VAL A 209 -5.62 -20.07 1.14
C VAL A 209 -5.62 -21.45 0.48
N VAL A 210 -4.43 -22.05 0.35
CA VAL A 210 -4.34 -23.37 -0.26
C VAL A 210 -5.14 -24.36 0.58
N PRO A 211 -5.64 -25.43 -0.05
CA PRO A 211 -6.48 -26.38 0.67
C PRO A 211 -5.73 -27.07 1.81
N TRP A 212 -6.49 -27.56 2.79
CA TRP A 212 -5.90 -28.22 3.93
C TRP A 212 -5.57 -29.67 3.62
N ASP A 213 -4.31 -30.03 3.80
CA ASP A 213 -3.85 -31.38 3.47
C ASP A 213 -3.09 -32.01 4.62
N ARG A 214 -3.30 -31.51 5.83
CA ARG A 214 -2.59 -32.04 7.00
C ARG A 214 -3.52 -32.89 7.85
N GLU A 215 -3.17 -33.03 9.13
CA GLU A 215 -4.00 -33.78 10.08
C GLU A 215 -5.41 -33.24 10.07
N GLN A 216 -6.38 -34.15 9.97
CA GLN A 216 -7.79 -33.81 9.93
C GLN A 216 -8.34 -33.72 11.35
N PRO A 217 -9.21 -32.73 11.61
CA PRO A 217 -9.77 -32.64 12.96
C PRO A 217 -10.61 -33.86 13.26
N GLU A 218 -10.62 -34.30 14.51
CA GLU A 218 -11.44 -35.42 14.91
C GLU A 218 -12.91 -35.01 14.90
N GLY A 219 -13.79 -35.93 14.52
CA GLY A 219 -15.20 -35.61 14.47
C GLY A 219 -15.82 -35.49 15.84
N VAL A 220 -16.73 -34.52 16.01
CA VAL A 220 -17.39 -34.33 17.28
C VAL A 220 -18.84 -34.78 17.23
N ASP A 221 -19.28 -35.50 18.26
CA ASP A 221 -20.70 -35.72 18.47
C ASP A 221 -21.19 -34.62 19.40
N TRP A 222 -21.73 -33.55 18.82
CA TRP A 222 -22.10 -32.36 19.58
C TRP A 222 -23.21 -32.61 20.61
N ASP A 223 -24.21 -33.41 20.25
CA ASP A 223 -25.24 -33.77 21.21
C ASP A 223 -24.65 -34.46 22.46
N ALA A 224 -23.72 -35.39 22.26
CA ALA A 224 -23.08 -36.07 23.40
C ALA A 224 -22.24 -35.11 24.20
N LEU A 225 -21.44 -34.31 23.52
CA LEU A 225 -20.57 -33.31 24.17
C LEU A 225 -21.35 -32.30 25.00
N ILE A 226 -22.38 -31.71 24.39
CA ILE A 226 -23.20 -30.74 25.12
C ILE A 226 -23.84 -31.36 26.36
N ALA A 227 -24.40 -32.56 26.23
CA ALA A 227 -25.01 -33.21 27.38
C ALA A 227 -23.98 -33.46 28.47
N ARG A 228 -22.80 -33.90 28.09
CA ARG A 228 -21.75 -34.23 29.06
C ARG A 228 -21.28 -32.99 29.81
N VAL A 229 -20.86 -31.99 29.06
CA VAL A 229 -20.32 -30.77 29.63
C VAL A 229 -21.34 -30.08 30.55
N CYS A 230 -22.57 -29.93 30.07
CA CYS A 230 -23.57 -29.22 30.85
C CYS A 230 -23.96 -30.00 32.13
N SER A 231 -23.98 -31.33 32.07
CA SER A 231 -24.30 -32.11 33.25
C SER A 231 -23.16 -32.10 34.28
N GLU A 232 -21.97 -31.70 33.85
CA GLU A 232 -20.84 -31.53 34.77
C GLU A 232 -20.86 -30.17 35.46
N ALA A 233 -21.71 -29.27 34.96
CA ALA A 233 -21.79 -27.93 35.52
C ALA A 233 -23.06 -27.73 36.34
N GLU A 234 -23.08 -26.67 37.15
CA GLU A 234 -24.24 -26.42 37.96
C GLU A 234 -25.44 -26.14 37.07
N ASN A 235 -26.62 -26.59 37.51
CA ASN A 235 -27.80 -26.55 36.67
C ASN A 235 -28.54 -25.20 36.63
N VAL A 236 -27.87 -24.12 36.23
CA VAL A 236 -28.54 -22.90 35.87
C VAL A 236 -29.05 -23.07 34.44
N PRO A 237 -30.38 -23.01 34.25
CA PRO A 237 -30.98 -23.41 32.96
C PRO A 237 -30.59 -22.53 31.79
N GLU A 238 -30.49 -23.13 30.62
CA GLU A 238 -30.22 -22.39 29.40
C GLU A 238 -31.34 -21.37 29.14
N ILE A 239 -31.00 -20.24 28.54
CA ILE A 239 -32.02 -19.29 28.16
C ILE A 239 -32.77 -19.78 26.92
N ASP A 240 -34.02 -19.38 26.79
CA ASP A 240 -34.86 -19.84 25.69
C ASP A 240 -35.28 -18.70 24.76
N TRP A 241 -34.91 -17.47 25.11
CA TRP A 241 -35.44 -16.31 24.39
C TRP A 241 -34.54 -15.79 23.26
N CYS A 242 -33.32 -16.33 23.14
CA CYS A 242 -32.55 -16.09 21.93
C CYS A 242 -31.60 -17.26 21.65
N GLU A 243 -31.26 -17.41 20.37
CA GLU A 243 -30.43 -18.50 19.88
C GLU A 243 -28.99 -18.03 19.78
N PRO A 244 -28.03 -18.90 20.13
CA PRO A 244 -26.63 -18.46 20.01
C PRO A 244 -26.08 -18.56 18.59
N GLY A 245 -25.03 -17.79 18.32
CA GLY A 245 -24.30 -17.91 17.07
C GLY A 245 -24.35 -16.70 16.17
N GLU A 246 -23.51 -16.70 15.15
CA GLU A 246 -23.40 -15.60 14.19
C GLU A 246 -24.72 -15.27 13.50
N GLU A 247 -25.40 -16.29 13.01
CA GLU A 247 -26.61 -16.10 12.22
C GLU A 247 -27.68 -15.40 13.06
N ALA A 248 -27.92 -15.90 14.27
CA ALA A 248 -28.92 -15.31 15.15
C ALA A 248 -28.49 -13.92 15.64
N ALA A 249 -27.17 -13.70 15.75
CA ALA A 249 -26.65 -12.42 16.23
C ALA A 249 -26.90 -11.30 15.23
N ILE A 250 -26.64 -11.58 13.96
CA ILE A 250 -26.87 -10.60 12.92
C ILE A 250 -28.35 -10.29 12.80
N GLU A 251 -29.18 -11.33 12.97
CA GLU A 251 -30.63 -11.13 12.97
C GLU A 251 -31.07 -10.20 14.11
N ALA A 252 -30.44 -10.33 15.29
CA ALA A 252 -30.76 -9.47 16.43
C ALA A 252 -30.37 -8.02 16.15
N LEU A 253 -29.27 -7.84 15.44
CA LEU A 253 -28.82 -6.50 15.05
C LEU A 253 -29.63 -5.93 13.90
N LEU A 254 -29.81 -6.70 12.84
CA LEU A 254 -30.26 -6.18 11.53
C LEU A 254 -31.51 -6.81 10.94
N GLY A 255 -32.09 -7.78 11.63
CA GLY A 255 -33.24 -8.49 11.11
C GLY A 255 -34.38 -7.58 10.69
N SER A 256 -35.01 -7.89 9.56
CA SER A 256 -36.06 -7.03 9.04
C SER A 256 -37.26 -6.98 9.98
N LYS A 257 -37.57 -8.09 10.62
CA LYS A 257 -38.76 -8.17 11.46
C LYS A 257 -38.66 -7.41 12.77
N ASP A 258 -37.58 -7.64 13.51
CA ASP A 258 -37.43 -7.00 14.82
C ASP A 258 -35.97 -6.71 15.17
N GLY A 259 -35.13 -6.53 14.17
CA GLY A 259 -33.73 -6.16 14.40
C GLY A 259 -33.64 -4.89 15.23
N PHE A 260 -32.57 -4.75 16.01
CA PHE A 260 -32.40 -3.56 16.83
C PHE A 260 -32.30 -2.30 15.96
N LEU A 261 -31.39 -2.31 14.99
CA LEU A 261 -31.12 -1.09 14.22
C LEU A 261 -32.22 -0.83 13.22
N THR A 262 -32.94 -1.88 12.85
CA THR A 262 -34.01 -1.74 11.88
C THR A 262 -35.34 -1.31 12.49
N LYS A 263 -35.62 -1.77 13.71
CA LYS A 263 -36.96 -1.61 14.27
C LYS A 263 -37.05 -1.02 15.68
N ARG A 264 -35.92 -0.86 16.37
CA ARG A 264 -35.98 -0.44 17.77
C ARG A 264 -35.00 0.68 18.18
N ILE A 265 -34.09 1.04 17.29
CA ILE A 265 -33.06 2.03 17.62
C ILE A 265 -33.63 3.39 18.02
N LYS A 266 -34.74 3.78 17.39
CA LYS A 266 -35.24 5.14 17.55
C LYS A 266 -35.44 5.58 18.99
N SER A 267 -36.06 4.74 19.80
CA SER A 267 -36.38 5.13 21.15
C SER A 267 -35.23 4.86 22.15
N TYR A 268 -34.05 4.47 21.66
CA TYR A 268 -32.98 3.99 22.54
C TYR A 268 -32.54 5.00 23.61
N GLU A 269 -32.20 6.22 23.19
CA GLU A 269 -31.68 7.17 24.17
C GLU A 269 -32.68 7.44 25.29
N THR A 270 -33.97 7.44 24.96
CA THR A 270 -34.98 7.84 25.95
C THR A 270 -35.62 6.65 26.69
N ASP A 271 -35.36 5.43 26.21
CA ASP A 271 -35.98 4.25 26.82
C ASP A 271 -35.01 3.28 27.50
N ARG A 272 -33.72 3.39 27.19
CA ARG A 272 -32.74 2.41 27.69
C ARG A 272 -32.65 2.38 29.22
N ASN A 273 -33.04 3.47 29.88
CA ASN A 273 -33.00 3.49 31.34
C ASN A 273 -34.31 3.05 32.01
N ASP A 274 -35.26 2.57 31.20
CA ASP A 274 -36.59 2.23 31.70
C ASP A 274 -36.80 0.71 31.73
N PRO A 275 -36.72 0.09 32.91
CA PRO A 275 -36.81 -1.38 32.95
C PRO A 275 -38.15 -1.96 32.54
N THR A 276 -39.17 -1.11 32.41
CA THR A 276 -40.48 -1.56 31.95
C THR A 276 -40.55 -1.57 30.43
N LYS A 277 -39.43 -1.26 29.77
CA LYS A 277 -39.31 -1.35 28.32
C LYS A 277 -38.19 -2.31 27.97
N PRO A 278 -38.39 -3.61 28.25
CA PRO A 278 -37.34 -4.62 28.07
C PRO A 278 -36.84 -4.68 26.63
N ARG A 279 -37.72 -4.38 25.67
CA ARG A 279 -37.39 -4.52 24.25
C ARG A 279 -36.61 -3.32 23.69
N ALA A 280 -36.43 -2.28 24.49
CA ALA A 280 -35.71 -1.10 24.03
C ALA A 280 -34.20 -1.31 23.97
N LEU A 281 -33.70 -2.19 24.83
CA LEU A 281 -32.28 -2.53 24.82
C LEU A 281 -31.96 -3.35 23.57
N SER A 282 -30.71 -3.30 23.12
CA SER A 282 -30.34 -4.01 21.89
C SER A 282 -30.44 -5.53 22.02
N GLY A 283 -30.21 -6.05 23.23
CA GLY A 283 -30.15 -7.49 23.43
C GLY A 283 -28.89 -8.10 22.81
N LEU A 284 -27.87 -7.28 22.64
CA LEU A 284 -26.65 -7.68 21.95
C LEU A 284 -25.59 -8.31 22.86
N SER A 285 -25.64 -8.02 24.15
CA SER A 285 -24.56 -8.44 25.04
C SER A 285 -24.28 -9.95 25.06
N PRO A 286 -25.32 -10.78 24.91
CA PRO A 286 -24.97 -12.22 24.90
C PRO A 286 -24.03 -12.54 23.73
N TYR A 287 -24.41 -12.06 22.55
CA TYR A 287 -23.63 -12.24 21.34
C TYR A 287 -22.25 -11.58 21.41
N LEU A 288 -22.17 -10.37 21.94
CA LEU A 288 -20.91 -9.65 22.04
C LEU A 288 -19.99 -10.35 23.03
N HIS A 289 -20.55 -10.85 24.12
CA HIS A 289 -19.71 -11.55 25.08
C HIS A 289 -18.96 -12.75 24.50
N PHE A 290 -19.67 -13.57 23.73
CA PHE A 290 -19.09 -14.76 23.16
C PHE A 290 -18.44 -14.46 21.82
N GLY A 291 -18.50 -13.21 21.39
CA GLY A 291 -17.95 -12.82 20.11
C GLY A 291 -18.67 -13.43 18.91
N HIS A 292 -19.95 -13.75 19.08
CA HIS A 292 -20.77 -14.22 17.94
C HIS A 292 -20.96 -13.12 16.91
N ILE A 293 -20.84 -11.89 17.38
CA ILE A 293 -20.92 -10.74 16.49
C ILE A 293 -19.85 -9.77 16.90
N SER A 294 -19.23 -9.15 15.90
CA SER A 294 -18.17 -8.18 16.11
C SER A 294 -18.76 -6.86 16.63
N ALA A 295 -18.17 -6.27 17.67
CA ALA A 295 -18.65 -4.96 18.13
C ALA A 295 -18.42 -3.91 17.04
N GLN A 296 -17.33 -4.05 16.30
CA GLN A 296 -17.02 -3.18 15.16
C GLN A 296 -18.11 -3.30 14.09
N ARG A 297 -18.53 -4.53 13.78
CA ARG A 297 -19.71 -4.72 12.91
C ARG A 297 -20.93 -3.94 13.41
N CYS A 298 -21.21 -4.02 14.70
CA CYS A 298 -22.38 -3.34 15.27
C CYS A 298 -22.23 -1.82 15.12
N ALA A 299 -21.02 -1.33 15.38
CA ALA A 299 -20.72 0.09 15.23
C ALA A 299 -20.84 0.57 13.78
N LEU A 300 -20.32 -0.20 12.84
CA LEU A 300 -20.42 0.15 11.42
C LEU A 300 -21.86 0.26 10.96
N GLU A 301 -22.69 -0.68 11.39
CA GLU A 301 -24.08 -0.69 10.99
C GLU A 301 -24.82 0.47 11.64
N ALA A 302 -24.43 0.82 12.86
CA ALA A 302 -25.03 1.98 13.51
C ALA A 302 -24.67 3.25 12.74
N LYS A 303 -23.44 3.33 12.26
CA LYS A 303 -23.05 4.50 11.49
C LYS A 303 -23.93 4.65 10.24
N LYS A 304 -24.25 3.52 9.62
CA LYS A 304 -25.06 3.53 8.40
C LYS A 304 -26.49 3.98 8.65
N CYS A 305 -26.93 3.99 9.90
CA CYS A 305 -28.28 4.49 10.15
C CYS A 305 -28.34 5.70 11.09
N ARG A 306 -27.19 6.30 11.37
CA ARG A 306 -27.13 7.46 12.23
C ARG A 306 -28.01 8.63 11.76
N HIS A 307 -28.10 8.82 10.44
CA HIS A 307 -28.85 9.94 9.87
C HIS A 307 -30.33 9.85 10.18
N LEU A 308 -30.81 8.63 10.44
CA LEU A 308 -32.24 8.42 10.69
C LEU A 308 -32.61 8.66 12.15
N SER A 309 -31.64 8.50 13.05
CA SER A 309 -31.91 8.64 14.49
C SER A 309 -30.64 9.09 15.18
N PRO A 310 -30.19 10.32 14.90
CA PRO A 310 -28.87 10.80 15.34
C PRO A 310 -28.64 10.69 16.86
N LYS A 311 -29.57 11.19 17.67
CA LYS A 311 -29.37 11.15 19.12
C LYS A 311 -29.29 9.73 19.70
N SER A 312 -30.17 8.85 19.23
CA SER A 312 -30.20 7.48 19.74
C SER A 312 -28.97 6.70 19.28
N VAL A 313 -28.61 6.87 18.02
CA VAL A 313 -27.43 6.18 17.52
C VAL A 313 -26.17 6.65 18.24
N ASP A 314 -26.03 7.96 18.44
CA ASP A 314 -24.90 8.49 19.22
C ASP A 314 -24.83 7.85 20.61
N ALA A 315 -25.99 7.72 21.27
CA ALA A 315 -26.04 7.16 22.62
C ALA A 315 -25.69 5.67 22.61
N PHE A 316 -26.20 4.95 21.61
CA PHE A 316 -25.86 3.55 21.43
C PHE A 316 -24.35 3.35 21.24
N LEU A 317 -23.75 4.10 20.32
CA LEU A 317 -22.31 4.05 20.07
C LEU A 317 -21.48 4.38 21.32
N GLU A 318 -21.98 5.28 22.18
CA GLU A 318 -21.29 5.60 23.43
C GLU A 318 -21.20 4.36 24.34
N GLU A 319 -22.29 3.62 24.46
CA GLU A 319 -22.30 2.43 25.31
C GLU A 319 -21.55 1.30 24.63
N LEU A 320 -21.80 1.13 23.33
CA LEU A 320 -21.25 0.00 22.60
C LEU A 320 -19.72 0.08 22.44
N VAL A 321 -19.17 1.27 22.23
CA VAL A 321 -17.75 1.44 21.96
C VAL A 321 -17.00 2.01 23.14
N VAL A 322 -17.37 3.22 23.55
CA VAL A 322 -16.64 3.85 24.64
C VAL A 322 -16.72 3.09 25.97
N ARG A 323 -17.92 2.81 26.44
N ARG A 323 -17.92 2.78 26.44
CA ARG A 323 -18.06 2.15 27.73
CA ARG A 323 -18.06 2.16 27.76
C ARG A 323 -17.50 0.74 27.70
C ARG A 323 -17.63 0.68 27.78
N ARG A 324 -17.90 -0.05 26.71
CA ARG A 324 -17.48 -1.45 26.66
C ARG A 324 -15.95 -1.50 26.57
N GLU A 325 -15.38 -0.70 25.69
CA GLU A 325 -13.93 -0.71 25.53
C GLU A 325 -13.18 -0.14 26.72
N LEU A 326 -13.83 0.76 27.47
CA LEU A 326 -13.29 1.26 28.71
C LEU A 326 -13.15 0.13 29.73
N ALA A 327 -14.07 -0.84 29.70
CA ALA A 327 -13.94 -1.98 30.60
C ALA A 327 -12.74 -2.84 30.25
N ASP A 328 -12.48 -3.06 28.95
CA ASP A 328 -11.25 -3.78 28.55
C ASP A 328 -10.01 -3.00 29.00
N ASN A 329 -10.04 -1.68 28.80
CA ASN A 329 -8.95 -0.82 29.24
C ASN A 329 -8.64 -1.08 30.71
N PHE A 330 -9.69 -1.08 31.54
CA PHE A 330 -9.49 -1.21 32.96
C PHE A 330 -8.93 -2.58 33.33
N CYS A 331 -9.56 -3.63 32.84
CA CYS A 331 -9.09 -4.96 33.20
C CYS A 331 -7.67 -5.26 32.65
N TYR A 332 -7.34 -4.71 31.49
CA TYR A 332 -6.03 -4.93 30.89
C TYR A 332 -4.90 -4.28 31.72
N TYR A 333 -5.15 -3.08 32.25
CA TYR A 333 -4.11 -2.33 32.95
C TYR A 333 -4.15 -2.45 34.47
N GLN A 334 -5.29 -2.88 35.01
CA GLN A 334 -5.46 -3.06 36.45
C GLN A 334 -5.60 -4.55 36.76
N PRO A 335 -4.50 -5.19 37.17
CA PRO A 335 -4.50 -6.63 37.47
C PRO A 335 -5.51 -7.03 38.54
N GLN A 336 -5.81 -6.12 39.46
CA GLN A 336 -6.76 -6.37 40.53
C GLN A 336 -8.13 -5.78 40.21
N TYR A 337 -8.65 -6.16 39.05
CA TYR A 337 -9.86 -5.52 38.52
C TYR A 337 -11.13 -6.03 39.18
N ASP A 338 -11.01 -7.07 40.02
CA ASP A 338 -12.17 -7.66 40.68
C ASP A 338 -12.08 -7.57 42.20
N SER A 339 -11.37 -6.55 42.69
N SER A 339 -11.37 -6.56 42.70
CA SER A 339 -11.13 -6.41 44.13
CA SER A 339 -11.25 -6.40 44.14
C SER A 339 -11.09 -4.93 44.50
C SER A 339 -11.12 -4.94 44.50
N LEU A 340 -11.36 -4.62 45.76
CA LEU A 340 -11.41 -3.23 46.21
C LEU A 340 -10.07 -2.55 45.93
N SER A 341 -8.99 -3.32 45.93
CA SER A 341 -7.69 -2.71 45.74
C SER A 341 -7.56 -2.11 44.33
N GLY A 342 -8.42 -2.56 43.41
CA GLY A 342 -8.38 -2.07 42.04
C GLY A 342 -9.14 -0.75 41.86
N ALA A 343 -9.93 -0.36 42.86
CA ALA A 343 -10.61 0.95 42.80
C ALA A 343 -9.65 2.13 42.96
N TRP A 344 -10.11 3.32 42.59
CA TRP A 344 -9.30 4.53 42.74
C TRP A 344 -9.14 4.91 44.21
N GLU A 345 -8.07 5.62 44.57
CA GLU A 345 -7.80 5.94 45.97
C GLU A 345 -8.93 6.70 46.67
N TRP A 346 -9.59 7.62 45.98
CA TRP A 346 -10.64 8.40 46.61
C TRP A 346 -11.75 7.46 47.08
N ALA A 347 -12.04 6.46 46.26
CA ALA A 347 -13.15 5.54 46.51
C ALA A 347 -12.77 4.57 47.62
N ARG A 348 -11.55 4.06 47.57
CA ARG A 348 -11.09 3.20 48.65
C ARG A 348 -11.17 3.89 49.99
N LYS A 349 -10.71 5.13 50.04
CA LYS A 349 -10.68 5.88 51.29
C LYS A 349 -12.08 6.18 51.83
N THR A 350 -12.99 6.56 50.95
CA THR A 350 -14.34 6.89 51.41
C THR A 350 -15.04 5.64 51.92
N LEU A 351 -14.85 4.50 51.25
CA LEU A 351 -15.43 3.26 51.72
C LEU A 351 -14.82 2.84 53.07
N MET A 352 -13.52 3.05 53.23
CA MET A 352 -12.85 2.73 54.50
C MET A 352 -13.34 3.62 55.63
N ASP A 353 -13.49 4.91 55.34
CA ASP A 353 -14.00 5.87 56.32
C ASP A 353 -15.36 5.47 56.88
N HIS A 354 -16.12 4.71 56.10
CA HIS A 354 -17.47 4.37 56.49
C HIS A 354 -17.64 2.90 56.82
N ALA A 355 -16.51 2.20 56.92
CA ALA A 355 -16.51 0.77 57.20
C ALA A 355 -17.22 0.44 58.52
N ALA A 356 -17.23 1.37 59.45
CA ALA A 356 -17.78 1.07 60.79
C ALA A 356 -19.24 1.46 60.93
N ASP A 357 -19.78 2.18 59.95
CA ASP A 357 -21.20 2.53 59.98
C ASP A 357 -22.04 1.27 60.06
N LYS A 358 -23.00 1.23 60.96
CA LYS A 358 -23.90 0.08 61.03
C LYS A 358 -24.83 0.12 59.82
N ARG A 359 -24.91 -1.01 59.12
CA ARG A 359 -25.80 -1.11 57.98
C ARG A 359 -27.22 -1.32 58.51
N GLU A 360 -28.22 -0.78 57.80
CA GLU A 360 -29.61 -0.89 58.25
C GLU A 360 -30.12 -2.32 58.13
N HIS A 361 -29.66 -3.01 57.09
CA HIS A 361 -29.94 -4.43 56.92
C HIS A 361 -28.66 -5.17 56.57
N ILE A 362 -28.59 -6.44 56.96
CA ILE A 362 -27.50 -7.31 56.56
C ILE A 362 -28.14 -8.59 56.02
N TYR A 363 -27.89 -8.89 54.74
CA TYR A 363 -28.33 -10.15 54.16
C TYR A 363 -27.16 -11.03 53.83
N THR A 364 -27.34 -12.34 53.96
CA THR A 364 -26.29 -13.28 53.58
C THR A 364 -26.32 -13.45 52.07
N ARG A 365 -25.28 -14.09 51.55
CA ARG A 365 -25.23 -14.39 50.13
C ARG A 365 -26.42 -15.27 49.71
N GLU A 366 -26.74 -16.27 50.52
CA GLU A 366 -27.87 -17.15 50.21
C GLU A 366 -29.19 -16.39 50.11
N GLN A 367 -29.42 -15.48 51.06
CA GLN A 367 -30.65 -14.68 51.08
C GLN A 367 -30.75 -13.74 49.87
N LEU A 368 -29.64 -13.13 49.49
CA LEU A 368 -29.60 -12.31 48.29
C LEU A 368 -29.85 -13.16 47.06
N GLU A 369 -29.14 -14.27 46.96
CA GLU A 369 -29.26 -15.13 45.78
C GLU A 369 -30.70 -15.59 45.56
N ASN A 370 -31.41 -15.86 46.64
CA ASN A 370 -32.77 -16.35 46.54
C ASN A 370 -33.83 -15.24 46.59
N ALA A 371 -33.38 -13.99 46.52
CA ALA A 371 -34.26 -12.82 46.46
C ALA A 371 -35.20 -12.73 47.66
N LYS A 372 -34.62 -12.83 48.86
CA LYS A 372 -35.38 -12.80 50.09
C LYS A 372 -35.18 -11.52 50.93
N THR A 373 -35.14 -10.37 50.27
CA THR A 373 -35.02 -9.12 51.00
C THR A 373 -36.36 -8.42 51.22
N HIS A 374 -36.32 -7.38 52.04
CA HIS A 374 -37.49 -6.53 52.29
C HIS A 374 -37.85 -5.66 51.08
N ASP A 375 -36.97 -5.63 50.08
CA ASP A 375 -37.10 -4.71 48.94
C ASP A 375 -37.65 -5.44 47.70
N PRO A 376 -38.92 -5.22 47.34
CA PRO A 376 -39.48 -6.00 46.24
C PRO A 376 -38.90 -5.59 44.88
N LEU A 377 -38.44 -4.37 44.75
CA LEU A 377 -37.77 -3.92 43.54
C LEU A 377 -36.43 -4.66 43.37
N TRP A 378 -35.67 -4.77 44.46
CA TRP A 378 -34.41 -5.50 44.40
C TRP A 378 -34.66 -6.97 44.11
N ASN A 379 -35.61 -7.55 44.83
CA ASN A 379 -35.96 -8.95 44.59
C ASN A 379 -36.28 -9.20 43.12
N ALA A 380 -37.03 -8.29 42.50
CA ALA A 380 -37.41 -8.41 41.09
C ALA A 380 -36.18 -8.41 40.19
N SER A 381 -35.23 -7.53 40.48
CA SER A 381 -34.03 -7.45 39.66
C SER A 381 -33.21 -8.74 39.79
N GLN A 382 -33.12 -9.27 41.00
CA GLN A 382 -32.43 -10.54 41.20
C GLN A 382 -33.11 -11.70 40.46
N LEU A 383 -34.45 -11.74 40.51
CA LEU A 383 -35.18 -12.81 39.82
C LEU A 383 -35.11 -12.69 38.31
N GLU A 384 -35.03 -11.47 37.80
CA GLU A 384 -34.91 -11.27 36.36
C GLU A 384 -33.60 -11.94 35.93
N MET A 385 -32.52 -11.65 36.64
CA MET A 385 -31.24 -12.28 36.35
C MET A 385 -31.32 -13.82 36.48
N VAL A 386 -31.89 -14.30 37.58
CA VAL A 386 -31.95 -15.73 37.83
C VAL A 386 -32.71 -16.47 36.75
N HIS A 387 -33.91 -16.00 36.40
CA HIS A 387 -34.79 -16.75 35.51
C HIS A 387 -34.71 -16.37 34.03
N HIS A 388 -34.42 -15.11 33.75
CA HIS A 388 -34.30 -14.64 32.38
C HIS A 388 -32.84 -14.69 31.89
N GLY A 389 -31.88 -14.51 32.79
CA GLY A 389 -30.47 -14.53 32.41
C GLY A 389 -29.90 -13.22 31.90
N LYS A 390 -30.67 -12.15 31.98
CA LYS A 390 -30.16 -10.85 31.55
C LYS A 390 -30.95 -9.78 32.31
N MET A 391 -30.35 -9.24 33.35
CA MET A 391 -31.01 -8.22 34.17
C MET A 391 -30.96 -6.91 33.41
N HIS A 392 -32.03 -6.12 33.50
CA HIS A 392 -32.06 -4.85 32.79
C HIS A 392 -30.91 -3.94 33.23
N GLY A 393 -30.26 -3.32 32.25
CA GLY A 393 -29.05 -2.55 32.49
C GLY A 393 -29.18 -1.50 33.58
N PHE A 394 -30.31 -0.80 33.61
CA PHE A 394 -30.49 0.19 34.65
C PHE A 394 -30.60 -0.52 36.02
N MET A 395 -31.34 -1.63 36.05
CA MET A 395 -31.50 -2.37 37.32
C MET A 395 -30.17 -2.96 37.83
N ARG A 396 -29.20 -3.26 36.96
CA ARG A 396 -27.90 -3.77 37.43
C ARG A 396 -27.19 -2.79 38.37
N MET A 397 -27.31 -1.49 38.09
CA MET A 397 -26.72 -0.47 38.95
C MET A 397 -27.38 -0.45 40.33
N TYR A 398 -28.71 -0.42 40.36
CA TYR A 398 -29.49 -0.45 41.59
C TYR A 398 -29.17 -1.73 42.39
N TRP A 399 -29.22 -2.86 41.69
CA TRP A 399 -28.99 -4.18 42.27
C TRP A 399 -27.66 -4.27 42.99
N ALA A 400 -26.60 -3.85 42.35
CA ALA A 400 -25.28 -3.97 42.96
C ALA A 400 -25.09 -2.98 44.11
N LYS A 401 -25.66 -1.79 43.98
CA LYS A 401 -25.56 -0.80 45.05
C LYS A 401 -26.29 -1.22 46.33
N LYS A 402 -27.42 -1.91 46.19
CA LYS A 402 -28.10 -2.45 47.37
C LYS A 402 -27.25 -3.52 48.07
N ILE A 403 -26.48 -4.28 47.29
CA ILE A 403 -25.63 -5.29 47.89
C ILE A 403 -24.57 -4.62 48.79
N LEU A 404 -24.02 -3.51 48.32
CA LEU A 404 -23.14 -2.68 49.17
C LEU A 404 -23.86 -2.23 50.44
N GLU A 405 -25.11 -1.81 50.28
CA GLU A 405 -25.87 -1.28 51.41
C GLU A 405 -26.26 -2.33 52.45
N TRP A 406 -26.35 -3.59 52.03
CA TRP A 406 -26.87 -4.64 52.89
C TRP A 406 -25.83 -5.73 53.19
N THR A 407 -24.55 -5.40 53.07
N THR A 407 -24.55 -5.36 53.09
CA THR A 407 -23.53 -6.36 53.48
CA THR A 407 -23.46 -6.28 53.37
C THR A 407 -22.52 -5.71 54.40
C THR A 407 -22.53 -5.70 54.43
N SER A 408 -21.72 -6.54 55.07
CA SER A 408 -20.84 -6.06 56.13
C SER A 408 -19.76 -5.07 55.68
N GLY A 409 -19.31 -5.17 54.43
CA GLY A 409 -18.34 -4.24 53.89
C GLY A 409 -18.25 -4.37 52.38
N PRO A 410 -17.58 -3.40 51.74
CA PRO A 410 -17.49 -3.33 50.28
C PRO A 410 -16.81 -4.53 49.64
N GLU A 411 -15.79 -5.11 50.27
CA GLU A 411 -15.16 -6.28 49.65
C GLU A 411 -16.12 -7.48 49.58
N GLU A 412 -16.85 -7.73 50.67
CA GLU A 412 -17.87 -8.78 50.68
C GLU A 412 -18.99 -8.48 49.66
N ALA A 413 -19.39 -7.21 49.57
CA ALA A 413 -20.40 -6.80 48.60
C ALA A 413 -19.92 -7.09 47.16
N LEU A 414 -18.69 -6.67 46.88
CA LEU A 414 -18.10 -6.85 45.55
C LEU A 414 -18.04 -8.32 45.19
N SER A 415 -17.59 -9.14 46.14
CA SER A 415 -17.46 -10.58 45.91
C SER A 415 -18.82 -11.21 45.62
N THR A 416 -19.82 -10.77 46.35
CA THR A 416 -21.17 -11.34 46.17
C THR A 416 -21.78 -10.92 44.84
N ALA A 417 -21.65 -9.65 44.49
CA ALA A 417 -22.16 -9.15 43.21
C ALA A 417 -21.53 -9.91 42.04
N ILE A 418 -20.21 -10.09 42.09
CA ILE A 418 -19.48 -10.73 41.01
C ILE A 418 -19.88 -12.18 40.93
N TYR A 419 -19.99 -12.84 42.08
CA TYR A 419 -20.40 -14.24 42.09
C TYR A 419 -21.78 -14.42 41.46
N LEU A 420 -22.74 -13.58 41.85
CA LEU A 420 -24.10 -13.69 41.32
C LEU A 420 -24.15 -13.36 39.82
N ASN A 421 -23.50 -12.28 39.44
CA ASN A 421 -23.44 -11.85 38.05
C ASN A 421 -22.86 -12.94 37.16
N ASP A 422 -21.74 -13.50 37.58
CA ASP A 422 -21.07 -14.56 36.81
C ASP A 422 -21.86 -15.87 36.80
N LYS A 423 -22.61 -16.15 37.88
CA LYS A 423 -23.40 -17.37 37.92
C LYS A 423 -24.59 -17.34 36.96
N TYR A 424 -25.31 -16.23 36.95
CA TYR A 424 -26.61 -16.15 36.30
C TYR A 424 -26.67 -15.41 34.96
N GLU A 425 -25.82 -14.42 34.76
CA GLU A 425 -25.90 -13.62 33.53
C GLU A 425 -25.35 -14.38 32.32
N ILE A 426 -26.07 -14.30 31.20
CA ILE A 426 -25.60 -14.89 29.97
C ILE A 426 -24.39 -14.14 29.42
N ASP A 427 -24.26 -12.87 29.81
CA ASP A 427 -23.19 -12.00 29.34
C ASP A 427 -22.08 -11.79 30.39
N GLY A 428 -22.11 -12.62 31.44
CA GLY A 428 -21.22 -12.48 32.58
C GLY A 428 -19.85 -13.09 32.36
N ARG A 429 -19.03 -13.10 33.41
CA ARG A 429 -17.64 -13.55 33.29
C ARG A 429 -16.97 -12.76 32.17
N ASP A 430 -17.02 -11.43 32.32
CA ASP A 430 -16.72 -10.49 31.25
C ASP A 430 -16.09 -9.26 31.88
N PRO A 431 -15.12 -8.65 31.21
CA PRO A 431 -14.57 -7.39 31.73
C PRO A 431 -15.67 -6.41 32.15
N SER A 432 -16.72 -6.31 31.35
CA SER A 432 -17.81 -5.39 31.66
C SER A 432 -18.63 -5.78 32.88
N GLY A 433 -18.62 -7.06 33.24
CA GLY A 433 -19.25 -7.51 34.48
C GLY A 433 -18.46 -7.08 35.70
N TYR A 434 -17.15 -7.32 35.67
CA TYR A 434 -16.29 -6.86 36.74
C TYR A 434 -16.39 -5.36 36.86
N VAL A 435 -16.32 -4.68 35.72
CA VAL A 435 -16.35 -3.23 35.73
C VAL A 435 -17.70 -2.66 36.19
N GLY A 436 -18.80 -3.29 35.79
CA GLY A 436 -20.13 -2.89 36.24
C GLY A 436 -20.26 -2.97 37.76
N CYS A 437 -19.80 -4.09 38.33
CA CYS A 437 -19.84 -4.27 39.79
C CYS A 437 -18.95 -3.24 40.47
N MET A 438 -17.76 -3.02 39.90
CA MET A 438 -16.84 -2.01 40.43
C MET A 438 -17.40 -0.59 40.30
N TRP A 439 -18.11 -0.31 39.22
CA TRP A 439 -18.71 1.02 39.09
C TRP A 439 -19.71 1.24 40.23
N SER A 440 -20.51 0.20 40.48
CA SER A 440 -21.62 0.30 41.43
C SER A 440 -21.14 0.39 42.86
N ILE A 441 -20.19 -0.45 43.20
CA ILE A 441 -19.84 -0.68 44.60
C ILE A 441 -18.62 0.17 45.02
N CYS A 442 -17.74 0.48 44.06
CA CYS A 442 -16.46 1.13 44.33
C CYS A 442 -16.29 2.43 43.54
N GLY A 443 -17.36 2.89 42.90
CA GLY A 443 -17.36 4.12 42.15
C GLY A 443 -16.38 4.18 40.97
N LEU A 444 -15.98 3.03 40.46
CA LEU A 444 -15.04 2.98 39.34
C LEU A 444 -15.65 3.72 38.16
N HIS A 445 -14.83 4.57 37.53
CA HIS A 445 -15.24 5.36 36.34
C HIS A 445 -16.35 6.38 36.65
N ASP A 446 -16.67 6.54 37.93
CA ASP A 446 -17.66 7.52 38.37
C ASP A 446 -17.00 8.67 39.13
N GLN A 447 -17.75 9.74 39.34
CA GLN A 447 -17.34 10.80 40.27
C GLN A 447 -17.84 10.47 41.69
N GLY A 448 -17.37 11.24 42.67
CA GLY A 448 -17.91 11.16 44.02
C GLY A 448 -19.15 12.04 44.17
N TRP A 449 -19.89 11.82 45.25
CA TRP A 449 -21.16 12.49 45.47
C TRP A 449 -21.24 12.82 46.96
N LYS A 450 -22.34 13.42 47.38
CA LYS A 450 -22.46 13.88 48.77
C LYS A 450 -22.24 12.72 49.75
N GLU A 451 -21.33 12.93 50.70
CA GLU A 451 -21.00 11.91 51.68
C GLU A 451 -22.22 11.53 52.51
N ARG A 452 -22.45 10.23 52.64
CA ARG A 452 -23.54 9.69 53.44
C ARG A 452 -23.06 8.43 54.13
N PRO A 453 -23.81 7.95 55.13
CA PRO A 453 -23.41 6.73 55.84
C PRO A 453 -23.28 5.50 54.92
N VAL A 454 -22.32 4.64 55.24
CA VAL A 454 -22.08 3.39 54.51
C VAL A 454 -21.43 3.60 53.13
N PHE A 455 -22.12 4.32 52.27
CA PHE A 455 -21.60 4.56 50.93
C PHE A 455 -20.46 5.56 50.91
N GLY A 456 -20.36 6.39 51.94
CA GLY A 456 -19.45 7.52 51.83
C GLY A 456 -19.84 8.35 50.61
N LYS A 457 -18.84 8.71 49.80
CA LYS A 457 -19.09 9.46 48.58
C LYS A 457 -19.41 8.61 47.35
N ILE A 458 -19.52 7.30 47.52
CA ILE A 458 -19.89 6.43 46.40
C ILE A 458 -21.34 6.79 46.06
N ARG A 459 -21.64 6.87 44.76
CA ARG A 459 -23.00 7.21 44.31
C ARG A 459 -24.09 6.31 44.92
N TYR A 460 -25.16 6.94 45.41
CA TYR A 460 -26.25 6.25 46.07
C TYR A 460 -27.46 6.21 45.14
N MET A 461 -28.24 5.13 45.22
CA MET A 461 -29.49 5.03 44.49
C MET A 461 -30.50 4.41 45.46
N ASN A 462 -31.77 4.79 45.35
CA ASN A 462 -32.76 4.19 46.24
C ASN A 462 -34.09 3.94 45.56
N TYR A 463 -34.96 3.22 46.27
CA TYR A 463 -36.26 2.81 45.78
C TYR A 463 -37.04 4.04 45.34
N ALA A 464 -37.09 5.04 46.22
CA ALA A 464 -37.81 6.27 45.91
C ALA A 464 -37.32 6.92 44.62
N GLY A 465 -36.01 6.84 44.39
CA GLY A 465 -35.42 7.41 43.19
C GLY A 465 -35.88 6.70 41.95
N CYS A 466 -36.06 5.39 42.06
CA CYS A 466 -36.55 4.60 40.94
C CYS A 466 -38.02 4.89 40.67
N LYS A 467 -38.81 5.05 41.73
CA LYS A 467 -40.25 5.29 41.58
C LYS A 467 -40.52 6.56 40.77
N ARG A 468 -39.67 7.57 40.96
CA ARG A 468 -39.83 8.81 40.23
C ARG A 468 -39.60 8.63 38.74
N LYS A 469 -38.70 7.71 38.38
CA LYS A 469 -38.25 7.58 37.00
C LYS A 469 -39.12 6.66 36.15
N PHE A 470 -39.62 5.57 36.74
CA PHE A 470 -40.42 4.61 35.99
C PHE A 470 -41.41 3.87 36.87
N ASP A 471 -42.31 3.11 36.24
CA ASP A 471 -43.37 2.38 36.94
C ASP A 471 -42.79 1.12 37.59
N VAL A 472 -42.28 1.27 38.82
CA VAL A 472 -41.69 0.18 39.60
C VAL A 472 -42.61 -1.04 39.75
N ASP A 473 -43.90 -0.80 39.96
CA ASP A 473 -44.84 -1.90 40.15
C ASP A 473 -45.01 -2.72 38.88
N ALA A 474 -44.95 -2.04 37.73
CA ALA A 474 -45.03 -2.73 36.45
C ALA A 474 -43.82 -3.65 36.24
N TYR A 475 -42.63 -3.18 36.61
CA TYR A 475 -41.44 -4.00 36.49
C TYR A 475 -41.54 -5.21 37.40
N ILE A 476 -41.99 -4.96 38.63
CA ILE A 476 -42.16 -6.05 39.57
C ILE A 476 -43.14 -7.12 39.06
N SER A 477 -44.28 -6.68 38.53
CA SER A 477 -45.29 -7.57 37.94
C SER A 477 -44.74 -8.38 36.77
N TYR A 478 -44.00 -7.69 35.89
CA TYR A 478 -43.35 -8.30 34.74
C TYR A 478 -42.35 -9.39 35.14
N VAL A 479 -41.55 -9.14 36.17
CA VAL A 479 -40.64 -10.18 36.62
C VAL A 479 -41.37 -11.35 37.27
N LYS A 480 -42.39 -11.05 38.08
CA LYS A 480 -43.22 -12.09 38.68
C LYS A 480 -43.72 -13.06 37.61
N ARG A 481 -44.23 -12.52 36.51
N ARG A 481 -44.24 -12.51 36.52
CA ARG A 481 -44.73 -13.35 35.42
CA ARG A 481 -44.72 -13.31 35.40
C ARG A 481 -43.62 -14.17 34.76
C ARG A 481 -43.60 -14.18 34.82
N LEU A 482 -42.45 -13.57 34.61
CA LEU A 482 -41.29 -14.27 34.04
C LEU A 482 -40.85 -15.43 34.95
N ALA A 483 -40.69 -15.14 36.23
CA ALA A 483 -40.29 -16.16 37.20
C ALA A 483 -41.29 -17.32 37.21
N GLY A 484 -42.58 -16.98 37.22
CA GLY A 484 -43.61 -18.01 37.22
C GLY A 484 -43.45 -18.98 36.07
N GLN A 485 -43.35 -18.44 34.86
CA GLN A 485 -43.17 -19.27 33.69
C GLN A 485 -41.89 -20.09 33.78
N SER A 486 -40.83 -19.47 34.28
CA SER A 486 -39.55 -20.14 34.39
C SER A 486 -39.57 -21.29 35.40
N LYS A 487 -40.22 -21.07 36.54
CA LYS A 487 -40.33 -22.11 37.57
C LYS A 487 -41.18 -23.28 37.06
N LYS A 488 -42.24 -22.97 36.31
CA LYS A 488 -43.08 -24.02 35.75
C LYS A 488 -42.31 -24.84 34.72
N ARG A 489 -41.62 -24.15 33.83
CA ARG A 489 -40.81 -24.80 32.80
C ARG A 489 -39.74 -25.71 33.40
N ASN A 490 -39.19 -25.32 34.54
CA ASN A 490 -38.12 -26.08 35.20
C ASN A 490 -38.62 -27.40 35.77
N SER B 19 7.56 11.65 -53.52
CA SER B 19 7.41 12.06 -52.13
C SER B 19 7.25 10.85 -51.21
N PRO B 20 8.39 10.24 -50.82
CA PRO B 20 8.41 9.00 -50.02
C PRO B 20 7.82 9.20 -48.62
N ALA B 21 8.01 10.38 -48.05
CA ALA B 21 7.60 10.64 -46.67
C ALA B 21 6.11 10.96 -46.54
N HIS B 22 5.50 10.41 -45.49
CA HIS B 22 4.11 10.73 -45.14
C HIS B 22 3.98 12.25 -45.03
N PRO B 23 2.95 12.82 -45.65
CA PRO B 23 2.73 14.27 -45.63
C PRO B 23 2.73 14.90 -44.23
N SER B 24 2.19 14.20 -43.23
CA SER B 24 2.14 14.76 -41.88
C SER B 24 3.53 14.82 -41.22
N ARG B 25 4.48 14.07 -41.77
CA ARG B 25 5.82 14.00 -41.19
C ARG B 25 6.71 15.16 -41.65
N VAL B 26 6.20 15.95 -42.59
CA VAL B 26 6.96 17.05 -43.18
C VAL B 26 6.42 18.43 -42.80
N ARG B 27 7.29 19.24 -42.20
CA ARG B 27 6.95 20.60 -41.82
C ARG B 27 7.61 21.56 -42.79
N VAL B 28 6.83 22.49 -43.35
CA VAL B 28 7.40 23.52 -44.21
C VAL B 28 7.69 24.75 -43.37
N ILE B 29 8.97 24.98 -43.10
CA ILE B 29 9.37 26.13 -42.31
C ILE B 29 9.34 27.38 -43.18
N HIS B 30 9.85 27.27 -44.40
CA HIS B 30 9.85 28.37 -45.35
C HIS B 30 9.62 27.76 -46.74
N PRO B 31 8.59 28.21 -47.45
CA PRO B 31 8.24 27.65 -48.76
C PRO B 31 9.32 27.87 -49.81
N GLY B 32 10.06 28.96 -49.71
CA GLY B 32 11.13 29.24 -50.66
C GLY B 32 10.64 29.80 -51.96
N GLY B 33 11.57 30.10 -52.85
CA GLY B 33 11.25 30.60 -54.19
C GLY B 33 11.35 29.44 -55.14
N GLY B 34 10.21 29.06 -55.72
CA GLY B 34 10.12 27.84 -56.51
C GLY B 34 10.77 27.93 -57.87
N LYS B 35 11.80 28.75 -57.98
CA LYS B 35 12.56 28.89 -59.22
C LYS B 35 13.84 28.05 -59.21
N PRO B 36 14.79 28.40 -58.31
CA PRO B 36 16.13 27.81 -58.26
C PRO B 36 16.33 26.58 -59.15
N GLY B 37 16.00 25.41 -58.64
CA GLY B 37 16.32 24.18 -59.34
C GLY B 37 17.75 23.78 -59.05
N GLY B 38 18.23 24.14 -57.87
CA GLY B 38 19.55 23.76 -57.42
C GLY B 38 19.55 22.49 -56.58
N PRO B 39 20.66 22.23 -55.89
CA PRO B 39 20.78 20.99 -55.11
C PRO B 39 19.90 20.99 -53.86
N VAL B 40 19.63 19.79 -53.35
CA VAL B 40 18.91 19.65 -52.12
C VAL B 40 19.93 19.22 -51.07
N VAL B 41 19.88 19.83 -49.89
CA VAL B 41 20.83 19.53 -48.84
C VAL B 41 20.09 19.04 -47.60
N TYR B 42 20.51 17.89 -47.09
CA TYR B 42 19.96 17.37 -45.84
C TYR B 42 20.94 17.71 -44.72
N TRP B 43 20.51 18.62 -43.85
CA TRP B 43 21.28 18.93 -42.65
C TRP B 43 20.96 17.85 -41.64
N MET B 44 21.89 16.91 -41.52
CA MET B 44 21.76 15.79 -40.62
C MET B 44 22.19 16.24 -39.23
N LEU B 45 21.40 15.92 -38.21
CA LEU B 45 21.79 16.24 -36.85
C LEU B 45 21.40 15.14 -35.89
N ARG B 46 20.10 14.86 -35.77
CA ARG B 46 19.68 13.85 -34.80
C ARG B 46 19.74 12.44 -35.37
N ASP B 47 19.57 12.32 -36.67
CA ASP B 47 19.48 11.00 -37.28
C ASP B 47 20.70 10.67 -38.13
N GLN B 48 21.72 10.15 -37.46
CA GLN B 48 23.02 9.91 -38.07
C GLN B 48 23.10 8.55 -38.72
N ARG B 49 22.33 8.37 -39.78
CA ARG B 49 22.28 7.12 -40.54
C ARG B 49 21.76 7.43 -41.95
N LEU B 50 22.09 6.57 -42.90
CA LEU B 50 21.62 6.72 -44.28
C LEU B 50 20.39 5.84 -44.53
N ALA B 51 20.30 4.74 -43.80
CA ALA B 51 19.17 3.83 -43.91
C ALA B 51 18.02 4.28 -43.01
N ASP B 52 16.80 3.93 -43.42
CA ASP B 52 15.61 4.19 -42.61
C ASP B 52 15.56 5.62 -42.05
N ASN B 53 15.73 6.61 -42.92
CA ASN B 53 15.84 8.00 -42.50
C ASN B 53 14.86 8.82 -43.33
N TRP B 54 13.73 9.19 -42.73
CA TRP B 54 12.69 9.89 -43.47
C TRP B 54 13.11 11.28 -43.92
N ALA B 55 14.02 11.91 -43.18
CA ALA B 55 14.55 13.20 -43.59
C ALA B 55 15.35 13.05 -44.87
N LEU B 56 16.22 12.05 -44.91
CA LEU B 56 17.01 11.81 -46.10
C LEU B 56 16.13 11.40 -47.28
N LEU B 57 15.15 10.53 -47.02
CA LEU B 57 14.25 10.10 -48.07
C LEU B 57 13.46 11.28 -48.67
N HIS B 58 13.05 12.20 -47.81
CA HIS B 58 12.31 13.38 -48.24
C HIS B 58 13.20 14.26 -49.14
N ALA B 59 14.43 14.49 -48.70
CA ALA B 59 15.39 15.28 -49.45
C ALA B 59 15.68 14.65 -50.82
N ALA B 60 15.91 13.34 -50.84
CA ALA B 60 16.19 12.62 -52.07
C ALA B 60 14.99 12.69 -53.00
N GLY B 61 13.80 12.63 -52.41
CA GLY B 61 12.56 12.75 -53.17
C GLY B 61 12.49 14.11 -53.87
N LEU B 62 12.78 15.16 -53.12
CA LEU B 62 12.80 16.51 -53.68
C LEU B 62 13.83 16.60 -54.81
N ALA B 63 15.01 16.02 -54.59
CA ALA B 63 16.07 16.01 -55.60
C ALA B 63 15.68 15.24 -56.86
N ALA B 64 15.20 14.00 -56.69
CA ALA B 64 14.89 13.16 -57.84
C ALA B 64 13.79 13.76 -58.71
N ALA B 65 12.79 14.35 -58.06
CA ALA B 65 11.66 14.94 -58.76
C ALA B 65 12.04 16.22 -59.52
N SER B 66 13.13 16.85 -59.10
CA SER B 66 13.57 18.11 -59.71
C SER B 66 14.87 17.97 -60.50
N ALA B 67 15.24 16.75 -60.86
CA ALA B 67 16.47 16.51 -61.62
C ALA B 67 17.67 17.24 -61.01
N SER B 68 17.76 17.21 -59.69
CA SER B 68 18.82 17.93 -58.97
C SER B 68 19.57 16.99 -58.05
N PRO B 69 20.82 17.35 -57.72
CA PRO B 69 21.68 16.51 -56.87
C PRO B 69 21.36 16.67 -55.39
N LEU B 70 21.95 15.80 -54.58
CA LEU B 70 21.62 15.71 -53.16
C LEU B 70 22.91 15.65 -52.35
N ALA B 71 22.95 16.33 -51.21
CA ALA B 71 24.11 16.25 -50.34
C ALA B 71 23.65 16.19 -48.89
N VAL B 72 24.52 15.65 -48.05
CA VAL B 72 24.31 15.67 -46.62
C VAL B 72 25.27 16.67 -46.01
N ALA B 73 24.80 17.44 -45.06
CA ALA B 73 25.67 18.36 -44.31
C ALA B 73 25.54 18.00 -42.83
N PHE B 74 26.67 17.98 -42.11
CA PHE B 74 26.61 17.75 -40.68
C PHE B 74 27.43 18.79 -39.97
N ALA B 75 26.83 19.40 -38.94
CA ALA B 75 27.51 20.42 -38.15
C ALA B 75 27.81 19.90 -36.76
N LEU B 76 29.09 19.93 -36.39
CA LEU B 76 29.51 19.59 -35.04
C LEU B 76 29.56 20.88 -34.25
N PHE B 77 28.83 20.95 -33.14
CA PHE B 77 28.94 22.08 -32.23
C PHE B 77 30.35 22.11 -31.68
N PRO B 78 31.04 23.25 -31.80
CA PRO B 78 32.42 23.27 -31.32
C PRO B 78 32.49 23.34 -29.80
N ARG B 79 33.69 23.19 -29.25
CA ARG B 79 33.91 23.32 -27.81
C ARG B 79 33.10 24.50 -27.28
N PRO B 80 32.37 24.32 -26.17
CA PRO B 80 32.30 23.17 -25.25
C PRO B 80 31.37 22.04 -25.68
N PHE B 81 30.93 22.04 -26.94
CA PHE B 81 30.20 20.93 -27.56
C PHE B 81 28.72 20.84 -27.13
N LEU B 82 27.94 20.07 -27.89
CA LEU B 82 26.50 20.02 -27.67
C LEU B 82 26.19 19.46 -26.29
N LEU B 83 25.52 20.28 -25.48
CA LEU B 83 25.19 19.92 -24.09
C LEU B 83 26.39 19.36 -23.29
N SER B 84 27.55 19.97 -23.50
CA SER B 84 28.78 19.62 -22.77
C SER B 84 29.24 18.17 -22.98
N ALA B 85 29.06 17.64 -24.18
CA ALA B 85 29.49 16.26 -24.47
C ALA B 85 30.95 16.05 -24.09
N ARG B 86 31.25 14.89 -23.49
CA ARG B 86 32.59 14.55 -23.08
C ARG B 86 33.25 13.62 -24.09
N ARG B 87 34.48 13.21 -23.82
CA ARG B 87 35.20 12.34 -24.75
C ARG B 87 34.37 11.11 -25.11
N ARG B 88 33.71 10.54 -24.10
CA ARG B 88 32.92 9.33 -24.25
C ARG B 88 31.87 9.42 -25.36
N GLN B 89 31.10 10.50 -25.33
CA GLN B 89 30.02 10.70 -26.29
C GLN B 89 30.53 11.23 -27.63
N LEU B 90 31.54 12.08 -27.58
CA LEU B 90 32.10 12.66 -28.80
C LEU B 90 32.82 11.62 -29.63
N GLY B 91 33.53 10.72 -28.96
CA GLY B 91 34.20 9.61 -29.63
C GLY B 91 33.20 8.72 -30.35
N PHE B 92 32.11 8.38 -29.65
CA PHE B 92 31.12 7.47 -30.20
C PHE B 92 30.47 8.13 -31.42
N LEU B 93 30.10 9.40 -31.27
CA LEU B 93 29.53 10.19 -32.36
C LEU B 93 30.44 10.23 -33.60
N LEU B 94 31.69 10.66 -33.40
CA LEU B 94 32.61 10.87 -34.52
C LEU B 94 33.03 9.57 -35.22
N ARG B 95 33.28 8.52 -34.44
CA ARG B 95 33.61 7.23 -35.04
C ARG B 95 32.44 6.67 -35.84
N GLY B 96 31.22 6.96 -35.39
CA GLY B 96 30.03 6.55 -36.13
C GLY B 96 29.93 7.35 -37.41
N LEU B 97 30.24 8.65 -37.30
CA LEU B 97 30.11 9.58 -38.42
C LEU B 97 31.14 9.29 -39.50
N ARG B 98 32.31 8.82 -39.07
CA ARG B 98 33.39 8.46 -39.97
C ARG B 98 32.95 7.28 -40.84
N ARG B 99 32.24 6.34 -40.24
CA ARG B 99 31.68 5.20 -40.97
C ARG B 99 30.56 5.64 -41.92
N LEU B 100 29.70 6.53 -41.45
CA LEU B 100 28.62 7.13 -42.23
C LEU B 100 29.22 7.77 -43.49
N ALA B 101 30.28 8.55 -43.30
CA ALA B 101 30.91 9.29 -44.39
C ALA B 101 31.51 8.37 -45.45
N ALA B 102 32.09 7.26 -45.00
CA ALA B 102 32.65 6.27 -45.92
C ALA B 102 31.52 5.63 -46.73
N ASP B 103 30.39 5.35 -46.07
CA ASP B 103 29.21 4.81 -46.74
C ASP B 103 28.68 5.82 -47.76
N ALA B 104 28.60 7.08 -47.36
CA ALA B 104 28.17 8.14 -48.26
C ALA B 104 29.06 8.17 -49.50
N ALA B 105 30.38 8.11 -49.31
CA ALA B 105 31.30 8.17 -50.44
C ALA B 105 31.06 7.02 -51.42
N ALA B 106 30.84 5.83 -50.88
CA ALA B 106 30.64 4.63 -51.69
C ALA B 106 29.37 4.74 -52.52
N ARG B 107 28.51 5.66 -52.12
CA ARG B 107 27.23 5.89 -52.80
C ARG B 107 27.29 7.15 -53.68
N HIS B 108 28.42 7.84 -53.63
CA HIS B 108 28.59 9.10 -54.36
C HIS B 108 27.67 10.19 -53.85
N LEU B 109 27.35 10.10 -52.56
CA LEU B 109 26.57 11.11 -51.85
C LEU B 109 27.52 12.02 -51.12
N PRO B 110 27.61 13.29 -51.54
CA PRO B 110 28.52 14.22 -50.87
C PRO B 110 28.18 14.46 -49.41
N PHE B 111 29.23 14.59 -48.60
CA PHE B 111 29.10 14.79 -47.17
C PHE B 111 29.90 16.04 -46.78
N PHE B 112 29.20 17.10 -46.39
CA PHE B 112 29.82 18.36 -45.96
C PHE B 112 29.88 18.43 -44.45
N LEU B 113 31.09 18.38 -43.89
CA LEU B 113 31.29 18.47 -42.43
C LEU B 113 31.69 19.88 -41.97
N PHE B 114 31.01 20.37 -40.93
CA PHE B 114 31.31 21.68 -40.37
C PHE B 114 31.68 21.55 -38.90
N THR B 115 32.92 21.84 -38.56
CA THR B 115 33.34 21.71 -37.17
C THR B 115 33.22 23.03 -36.43
N GLY B 116 32.74 24.06 -37.13
CA GLY B 116 32.61 25.39 -36.56
C GLY B 116 31.21 25.67 -36.04
N GLY B 117 30.30 24.72 -36.24
CA GLY B 117 28.94 24.86 -35.76
C GLY B 117 27.96 25.10 -36.89
N PRO B 118 26.67 25.11 -36.58
CA PRO B 118 25.58 25.27 -37.55
C PRO B 118 25.63 26.62 -38.27
N ALA B 119 26.23 27.63 -37.65
CA ALA B 119 26.28 28.96 -38.24
C ALA B 119 26.95 28.93 -39.62
N GLU B 120 27.75 27.91 -39.87
CA GLU B 120 28.45 27.76 -41.15
C GLU B 120 27.54 27.22 -42.26
N ILE B 121 26.41 26.64 -41.86
CA ILE B 121 25.49 26.01 -42.82
C ILE B 121 24.92 26.98 -43.87
N PRO B 122 24.39 28.14 -43.44
CA PRO B 122 23.74 29.06 -44.38
C PRO B 122 24.66 29.52 -45.52
N ALA B 123 25.92 29.80 -45.22
CA ALA B 123 26.86 30.23 -46.25
C ALA B 123 27.03 29.18 -47.35
N LEU B 124 27.14 27.91 -46.95
CA LEU B 124 27.24 26.83 -47.92
C LEU B 124 26.01 26.76 -48.81
N VAL B 125 24.84 26.69 -48.17
CA VAL B 125 23.58 26.61 -48.89
C VAL B 125 23.49 27.70 -49.96
N GLN B 126 23.92 28.90 -49.62
CA GLN B 126 23.89 30.02 -50.57
C GLN B 126 24.86 29.78 -51.73
N ARG B 127 26.08 29.36 -51.40
CA ARG B 127 27.10 29.07 -52.40
C ARG B 127 26.66 28.00 -53.40
N LEU B 128 25.86 27.05 -52.94
CA LEU B 128 25.44 25.94 -53.78
C LEU B 128 24.29 26.31 -54.68
N GLY B 129 23.60 27.39 -54.35
CA GLY B 129 22.37 27.75 -55.04
C GLY B 129 21.29 26.73 -54.75
N ALA B 130 21.28 26.24 -53.52
CA ALA B 130 20.37 25.17 -53.13
C ALA B 130 18.92 25.62 -53.24
N SER B 131 18.08 24.71 -53.73
CA SER B 131 16.65 24.92 -53.80
C SER B 131 16.00 24.69 -52.43
N THR B 132 16.48 23.68 -51.70
CA THR B 132 15.88 23.30 -50.43
C THR B 132 16.88 22.79 -49.41
N LEU B 133 16.71 23.23 -48.16
CA LEU B 133 17.45 22.67 -47.04
C LEU B 133 16.46 21.88 -46.20
N VAL B 134 16.79 20.62 -45.92
CA VAL B 134 15.93 19.76 -45.14
C VAL B 134 16.62 19.45 -43.81
N ALA B 135 15.90 19.67 -42.72
CA ALA B 135 16.43 19.35 -41.40
C ALA B 135 15.68 18.17 -40.79
N ASP B 136 16.32 17.51 -39.83
CA ASP B 136 15.60 16.54 -39.01
C ASP B 136 15.12 17.20 -37.72
N PHE B 137 14.57 16.40 -36.81
CA PHE B 137 13.91 16.95 -35.63
C PHE B 137 14.48 16.51 -34.30
N SER B 138 14.69 17.49 -33.42
CA SER B 138 14.97 17.25 -32.00
C SER B 138 14.34 18.36 -31.17
N PRO B 139 13.76 18.00 -30.02
CA PRO B 139 13.12 18.99 -29.16
C PRO B 139 14.09 19.70 -28.20
N LEU B 140 15.37 19.31 -28.20
CA LEU B 140 16.30 19.91 -27.26
C LEU B 140 16.59 21.36 -27.62
N ARG B 141 16.53 22.25 -26.62
CA ARG B 141 16.63 23.68 -26.91
C ARG B 141 17.84 24.13 -27.72
N PRO B 142 19.05 23.58 -27.44
CA PRO B 142 20.17 24.06 -28.27
C PRO B 142 20.00 23.75 -29.74
N VAL B 143 19.37 22.62 -30.05
CA VAL B 143 19.13 22.24 -31.43
C VAL B 143 18.03 23.11 -32.07
N ARG B 144 16.94 23.30 -31.35
CA ARG B 144 15.84 24.14 -31.83
C ARG B 144 16.35 25.55 -32.09
N GLU B 145 17.14 26.08 -31.17
CA GLU B 145 17.68 27.44 -31.34
C GLU B 145 18.61 27.50 -32.55
N ALA B 146 19.41 26.46 -32.73
CA ALA B 146 20.33 26.41 -33.87
C ALA B 146 19.60 26.40 -35.19
N LEU B 147 18.53 25.60 -35.27
CA LEU B 147 17.74 25.53 -36.48
C LEU B 147 17.11 26.88 -36.75
N ASP B 148 16.55 27.50 -35.72
CA ASP B 148 15.87 28.78 -35.92
C ASP B 148 16.84 29.87 -36.38
N ALA B 149 18.07 29.81 -35.89
CA ALA B 149 19.08 30.79 -36.29
C ALA B 149 19.47 30.61 -37.76
N VAL B 150 19.66 29.36 -38.18
CA VAL B 150 19.95 29.06 -39.59
C VAL B 150 18.80 29.53 -40.46
N VAL B 151 17.57 29.27 -40.01
CA VAL B 151 16.40 29.70 -40.77
C VAL B 151 16.38 31.22 -40.92
N GLY B 152 16.64 31.92 -39.82
CA GLY B 152 16.71 33.37 -39.85
C GLY B 152 17.80 33.87 -40.78
N ASP B 153 18.98 33.27 -40.71
CA ASP B 153 20.07 33.64 -41.62
C ASP B 153 19.66 33.47 -43.09
N LEU B 154 19.02 32.34 -43.39
CA LEU B 154 18.60 32.10 -44.77
C LEU B 154 17.46 33.00 -45.21
N ARG B 155 16.63 33.41 -44.26
CA ARG B 155 15.52 34.30 -44.56
C ARG B 155 16.08 35.65 -44.98
N ARG B 156 17.19 36.02 -44.35
CA ARG B 156 17.80 37.33 -44.54
C ARG B 156 18.67 37.40 -45.79
N GLU B 157 19.49 36.37 -46.00
CA GLU B 157 20.50 36.39 -47.03
C GLU B 157 20.14 35.59 -48.28
N ALA B 158 19.12 34.75 -48.19
CA ALA B 158 18.76 33.85 -49.28
C ALA B 158 17.30 33.37 -49.22
N PRO B 159 16.36 34.31 -49.36
CA PRO B 159 14.91 34.07 -49.17
C PRO B 159 14.33 33.04 -50.14
N GLY B 160 15.04 32.75 -51.22
CA GLY B 160 14.54 31.81 -52.21
C GLY B 160 14.67 30.36 -51.80
N VAL B 161 15.59 30.10 -50.88
CA VAL B 161 15.84 28.73 -50.41
C VAL B 161 14.72 28.24 -49.49
N ALA B 162 14.09 27.14 -49.86
CA ALA B 162 13.02 26.56 -49.05
C ALA B 162 13.63 25.77 -47.90
N VAL B 163 12.96 25.81 -46.75
CA VAL B 163 13.43 25.01 -45.62
C VAL B 163 12.31 24.12 -45.10
N HIS B 164 12.57 22.80 -45.06
CA HIS B 164 11.63 21.84 -44.51
C HIS B 164 12.28 21.17 -43.33
N GLN B 165 11.45 20.63 -42.44
CA GLN B 165 11.93 19.82 -41.35
C GLN B 165 11.08 18.57 -41.31
N VAL B 166 11.73 17.44 -41.12
CA VAL B 166 11.07 16.14 -41.11
C VAL B 166 11.38 15.44 -39.80
N ASP B 167 10.34 14.95 -39.13
CA ASP B 167 10.56 14.14 -37.93
C ASP B 167 10.98 12.75 -38.35
N ALA B 168 12.27 12.46 -38.26
CA ALA B 168 12.80 11.18 -38.72
C ALA B 168 13.12 10.28 -37.55
N HIS B 169 12.85 10.75 -36.34
CA HIS B 169 13.24 10.01 -35.15
C HIS B 169 12.07 9.25 -34.53
N ASN B 170 10.86 9.79 -34.67
CA ASN B 170 9.69 9.22 -34.04
C ASN B 170 8.83 8.48 -35.05
N VAL B 171 8.23 7.38 -34.63
CA VAL B 171 7.35 6.62 -35.49
C VAL B 171 6.16 7.50 -35.84
N VAL B 172 5.58 8.13 -34.83
CA VAL B 172 4.52 9.12 -35.08
C VAL B 172 5.08 10.55 -34.98
N PRO B 173 4.94 11.35 -36.05
CA PRO B 173 5.54 12.69 -35.99
C PRO B 173 5.10 13.42 -34.73
N VAL B 174 6.03 14.12 -34.09
CA VAL B 174 5.80 14.69 -32.77
C VAL B 174 4.63 15.67 -32.73
N TRP B 175 4.46 16.47 -33.79
CA TRP B 175 3.37 17.44 -33.85
C TRP B 175 2.05 16.75 -34.19
N THR B 176 2.13 15.51 -34.66
CA THR B 176 0.94 14.71 -34.95
C THR B 176 0.45 13.88 -33.78
N ALA B 177 1.38 13.23 -33.07
CA ALA B 177 1.02 12.32 -31.97
C ALA B 177 0.04 12.94 -31.01
N SER B 178 0.34 14.17 -30.58
CA SER B 178 -0.59 14.94 -29.76
C SER B 178 -0.33 16.41 -30.01
N ALA B 179 -1.38 17.22 -29.80
CA ALA B 179 -1.28 18.65 -29.97
C ALA B 179 -0.83 19.35 -28.69
N LYS B 180 -0.62 18.57 -27.64
CA LYS B 180 -0.27 19.15 -26.35
C LYS B 180 0.64 18.23 -25.54
N MET B 181 1.22 18.81 -24.48
CA MET B 181 1.98 18.07 -23.47
C MET B 181 1.09 17.03 -22.78
N GLU B 182 1.42 15.76 -22.94
CA GLU B 182 0.59 14.71 -22.37
C GLU B 182 0.87 14.48 -20.89
N TYR B 183 -0.18 14.16 -20.15
CA TYR B 183 -0.09 13.92 -18.72
C TYR B 183 0.68 12.65 -18.41
N SER B 184 0.46 11.60 -19.19
CA SER B 184 1.02 10.30 -18.87
C SER B 184 1.21 9.40 -20.09
N ALA B 185 1.84 8.25 -19.86
CA ALA B 185 1.98 7.23 -20.88
C ALA B 185 0.62 6.70 -21.33
N LYS B 186 -0.32 6.64 -20.41
CA LYS B 186 -1.69 6.22 -20.71
C LYS B 186 -2.38 7.14 -21.71
N THR B 187 -2.33 8.45 -21.46
CA THR B 187 -3.00 9.39 -22.37
C THR B 187 -2.31 9.46 -23.72
N PHE B 188 -0.97 9.43 -23.69
CA PHE B 188 -0.20 9.48 -24.93
C PHE B 188 -0.53 8.26 -25.77
N ARG B 189 -0.47 7.09 -25.13
CA ARG B 189 -0.77 5.81 -25.76
C ARG B 189 -2.15 5.78 -26.39
N GLY B 190 -3.13 6.37 -25.70
CA GLY B 190 -4.47 6.46 -26.24
C GLY B 190 -4.47 7.15 -27.60
N LYS B 191 -3.67 8.21 -27.72
CA LYS B 191 -3.57 8.94 -28.98
C LYS B 191 -2.80 8.21 -30.07
N VAL B 192 -1.58 7.76 -29.78
CA VAL B 192 -0.75 7.15 -30.83
C VAL B 192 -1.18 5.77 -31.28
N SER B 193 -1.80 4.99 -30.39
CA SER B 193 -2.27 3.67 -30.75
C SER B 193 -3.29 3.74 -31.89
N LYS B 194 -4.01 4.85 -31.98
CA LYS B 194 -5.04 5.03 -32.99
C LYS B 194 -4.45 5.11 -34.40
N VAL B 195 -3.25 5.64 -34.50
CA VAL B 195 -2.62 5.84 -35.79
C VAL B 195 -1.36 4.98 -35.99
N MET B 196 -1.04 4.15 -35.01
CA MET B 196 0.15 3.31 -35.10
C MET B 196 0.24 2.54 -36.41
N ASP B 197 -0.86 1.93 -36.82
CA ASP B 197 -0.87 1.11 -38.03
C ASP B 197 -0.62 1.93 -39.31
N GLU B 198 -0.97 3.21 -39.26
CA GLU B 198 -0.72 4.10 -40.39
C GLU B 198 0.76 4.47 -40.53
N TYR B 199 1.43 4.68 -39.41
CA TYR B 199 2.82 5.15 -39.45
C TYR B 199 3.85 4.03 -39.33
N LEU B 200 3.49 2.95 -38.63
CA LEU B 200 4.43 1.85 -38.44
C LEU B 200 4.51 1.00 -39.70
N VAL B 201 5.14 1.54 -40.73
CA VAL B 201 5.22 0.88 -42.03
C VAL B 201 6.64 0.80 -42.54
N GLU B 202 6.84 0.05 -43.62
CA GLU B 202 8.17 -0.14 -44.17
C GLU B 202 8.70 1.12 -44.84
N PHE B 203 10.03 1.25 -44.84
CA PHE B 203 10.71 2.36 -45.51
C PHE B 203 10.94 1.99 -46.96
N PRO B 204 10.70 2.95 -47.87
CA PRO B 204 11.12 2.74 -49.26
C PRO B 204 12.61 2.95 -49.38
N GLU B 205 13.20 2.46 -50.47
CA GLU B 205 14.61 2.68 -50.72
C GLU B 205 14.80 4.08 -51.28
N LEU B 206 16.01 4.62 -51.16
CA LEU B 206 16.29 5.96 -51.66
C LEU B 206 16.20 6.00 -53.18
N PRO B 207 15.58 7.07 -53.72
CA PRO B 207 15.50 7.25 -55.17
C PRO B 207 16.87 7.63 -55.72
N ALA B 208 17.17 7.18 -56.94
CA ALA B 208 18.41 7.56 -57.58
C ALA B 208 18.42 9.07 -57.83
N VAL B 209 19.58 9.70 -57.61
CA VAL B 209 19.71 11.13 -57.84
C VAL B 209 20.88 11.42 -58.78
N VAL B 210 20.80 12.53 -59.49
CA VAL B 210 21.85 12.90 -60.43
C VAL B 210 23.19 13.17 -59.73
N PRO B 211 24.30 13.00 -60.44
CA PRO B 211 25.62 13.23 -59.85
C PRO B 211 25.80 14.67 -59.36
N TRP B 212 26.58 14.85 -58.30
CA TRP B 212 26.82 16.16 -57.74
C TRP B 212 27.55 17.05 -58.75
N ASP B 213 27.00 18.24 -59.00
CA ASP B 213 27.53 19.14 -60.02
C ASP B 213 27.79 20.54 -59.49
N ARG B 214 27.96 20.67 -58.18
CA ARG B 214 28.25 21.96 -57.59
C ARG B 214 29.53 21.90 -56.76
N GLU B 215 29.74 22.93 -55.94
CA GLU B 215 30.92 23.01 -55.09
C GLU B 215 31.17 21.71 -54.34
N GLN B 216 32.41 21.22 -54.40
CA GLN B 216 32.74 19.94 -53.78
C GLN B 216 33.02 20.09 -52.28
N PRO B 217 32.59 19.10 -51.48
CA PRO B 217 32.89 19.17 -50.04
C PRO B 217 34.38 19.23 -49.75
N GLU B 218 34.75 19.79 -48.61
CA GLU B 218 36.15 19.78 -48.20
C GLU B 218 36.51 18.40 -47.69
N GLY B 219 37.78 18.04 -47.80
CA GLY B 219 38.24 16.76 -47.28
C GLY B 219 38.09 16.75 -45.78
N VAL B 220 38.08 15.56 -45.18
CA VAL B 220 38.04 15.44 -43.73
C VAL B 220 39.19 14.57 -43.25
N ASP B 221 40.04 15.14 -42.42
CA ASP B 221 41.09 14.37 -41.75
C ASP B 221 40.50 13.80 -40.48
N TRP B 222 39.92 12.61 -40.58
CA TRP B 222 39.20 12.01 -39.46
C TRP B 222 40.07 11.73 -38.24
N ASP B 223 41.24 11.13 -38.44
CA ASP B 223 42.09 10.83 -37.29
C ASP B 223 42.45 12.10 -36.52
N ALA B 224 42.81 13.16 -37.25
CA ALA B 224 43.17 14.42 -36.62
C ALA B 224 41.97 15.03 -35.88
N LEU B 225 40.81 14.97 -36.51
CA LEU B 225 39.58 15.52 -35.94
C LEU B 225 39.20 14.81 -34.64
N ILE B 226 39.17 13.48 -34.68
CA ILE B 226 38.87 12.71 -33.50
C ILE B 226 39.92 12.97 -32.41
N ALA B 227 41.18 13.04 -32.83
CA ALA B 227 42.25 13.37 -31.89
C ALA B 227 41.98 14.71 -31.22
N ARG B 228 41.73 15.75 -32.03
CA ARG B 228 41.60 17.11 -31.54
C ARG B 228 40.39 17.28 -30.61
N VAL B 229 39.24 16.83 -31.09
CA VAL B 229 37.99 17.00 -30.34
C VAL B 229 38.03 16.24 -29.01
N CYS B 230 38.56 15.02 -29.04
CA CYS B 230 38.59 14.20 -27.84
C CYS B 230 39.59 14.73 -26.82
N SER B 231 40.63 15.41 -27.29
CA SER B 231 41.58 16.04 -26.38
C SER B 231 41.04 17.36 -25.81
N GLU B 232 40.19 18.04 -26.58
CA GLU B 232 39.56 19.26 -26.11
C GLU B 232 38.49 18.96 -25.06
N ALA B 233 37.81 17.83 -25.23
CA ALA B 233 36.72 17.44 -24.34
C ALA B 233 37.24 16.87 -23.02
N GLU B 234 36.43 16.98 -21.97
CA GLU B 234 36.77 16.40 -20.68
C GLU B 234 36.89 14.88 -20.79
N ASN B 235 37.78 14.30 -20.00
CA ASN B 235 38.18 12.90 -20.17
C ASN B 235 37.33 11.87 -19.43
N VAL B 236 36.12 11.65 -19.94
CA VAL B 236 35.35 10.47 -19.60
C VAL B 236 35.62 9.46 -20.71
N PRO B 237 36.19 8.31 -20.38
CA PRO B 237 36.74 7.47 -21.46
C PRO B 237 35.67 6.85 -22.35
N GLU B 238 36.03 6.52 -23.60
CA GLU B 238 35.08 5.93 -24.54
C GLU B 238 34.67 4.55 -24.05
N ILE B 239 33.45 4.13 -24.38
CA ILE B 239 33.04 2.77 -24.02
C ILE B 239 33.70 1.75 -24.94
N ASP B 240 33.81 0.51 -24.47
CA ASP B 240 34.50 -0.51 -25.26
C ASP B 240 33.64 -1.74 -25.60
N TRP B 241 32.41 -1.78 -25.10
CA TRP B 241 31.56 -2.96 -25.25
C TRP B 241 30.63 -2.91 -26.46
N CYS B 242 30.66 -1.81 -27.20
CA CYS B 242 29.94 -1.78 -28.47
C CYS B 242 30.54 -0.75 -29.42
N GLU B 243 30.42 -1.03 -30.71
CA GLU B 243 30.95 -0.16 -31.75
C GLU B 243 29.84 0.78 -32.22
N PRO B 244 30.19 2.04 -32.49
CA PRO B 244 29.19 3.00 -32.98
C PRO B 244 28.88 2.79 -34.46
N GLY B 245 27.71 3.21 -34.90
CA GLY B 245 27.40 3.23 -36.31
C GLY B 245 26.27 2.31 -36.73
N GLU B 246 25.82 2.45 -37.98
CA GLU B 246 24.68 1.70 -38.48
C GLU B 246 24.89 0.19 -38.50
N GLU B 247 26.04 -0.26 -39.00
CA GLU B 247 26.29 -1.69 -39.14
C GLU B 247 26.29 -2.39 -37.79
N ALA B 248 26.88 -1.75 -36.78
CA ALA B 248 26.95 -2.35 -35.45
C ALA B 248 25.58 -2.29 -34.77
N ALA B 249 24.80 -1.27 -35.14
CA ALA B 249 23.47 -1.10 -34.58
C ALA B 249 22.55 -2.23 -35.05
N ILE B 250 22.49 -2.43 -36.36
CA ILE B 250 21.63 -3.46 -36.91
C ILE B 250 22.07 -4.83 -36.38
N GLU B 251 23.37 -4.96 -36.14
CA GLU B 251 23.90 -6.18 -35.53
C GLU B 251 23.38 -6.36 -34.11
N ALA B 252 23.24 -5.25 -33.38
CA ALA B 252 22.71 -5.31 -32.02
C ALA B 252 21.25 -5.77 -32.00
N LEU B 253 20.51 -5.38 -33.02
CA LEU B 253 19.08 -5.68 -33.10
C LEU B 253 18.81 -7.09 -33.63
N LEU B 254 19.49 -7.45 -34.71
CA LEU B 254 19.15 -8.65 -35.49
C LEU B 254 20.29 -9.64 -35.64
N GLY B 255 21.44 -9.34 -35.06
CA GLY B 255 22.62 -10.19 -35.20
C GLY B 255 22.38 -11.66 -34.91
N SER B 256 23.01 -12.52 -35.71
CA SER B 256 22.83 -13.96 -35.61
C SER B 256 23.25 -14.53 -34.25
N LYS B 257 24.49 -14.27 -33.86
CA LYS B 257 25.05 -14.86 -32.66
C LYS B 257 24.45 -14.32 -31.36
N ASP B 258 24.20 -13.01 -31.31
CA ASP B 258 23.64 -12.40 -30.10
C ASP B 258 22.85 -11.14 -30.39
N GLY B 259 21.98 -11.19 -31.38
CA GLY B 259 21.09 -10.08 -31.67
C GLY B 259 19.93 -10.07 -30.69
N PHE B 260 19.43 -8.89 -30.35
CA PHE B 260 18.36 -8.78 -29.36
C PHE B 260 17.10 -9.55 -29.74
N LEU B 261 16.60 -9.29 -30.96
CA LEU B 261 15.33 -9.88 -31.36
C LEU B 261 15.46 -11.36 -31.72
N THR B 262 16.67 -11.78 -32.06
CA THR B 262 16.91 -13.14 -32.53
C THR B 262 17.19 -14.11 -31.39
N LYS B 263 17.63 -13.58 -30.25
CA LYS B 263 18.03 -14.43 -29.13
C LYS B 263 17.37 -14.06 -27.80
N ARG B 264 17.45 -12.78 -27.43
CA ARG B 264 17.13 -12.36 -26.08
C ARG B 264 15.73 -11.79 -25.86
N ILE B 265 14.98 -11.56 -26.94
CA ILE B 265 13.68 -10.91 -26.83
C ILE B 265 12.68 -11.66 -25.94
N LYS B 266 12.68 -12.98 -26.00
CA LYS B 266 11.64 -13.76 -25.32
C LYS B 266 11.66 -13.60 -23.81
N SER B 267 12.84 -13.30 -23.26
CA SER B 267 12.99 -13.13 -21.82
C SER B 267 12.79 -11.68 -21.37
N TYR B 268 12.69 -10.77 -22.33
CA TYR B 268 12.67 -9.34 -22.01
C TYR B 268 11.66 -8.93 -20.92
N GLU B 269 10.40 -9.33 -21.09
CA GLU B 269 9.36 -8.86 -20.18
C GLU B 269 9.64 -9.22 -18.74
N THR B 270 10.17 -10.42 -18.51
CA THR B 270 10.38 -10.93 -17.16
C THR B 270 11.70 -10.46 -16.53
N ASP B 271 12.70 -10.20 -17.37
CA ASP B 271 14.04 -9.91 -16.87
C ASP B 271 14.41 -8.44 -16.89
N ARG B 272 13.66 -7.63 -17.64
CA ARG B 272 14.04 -6.24 -17.88
C ARG B 272 14.26 -5.43 -16.61
N ASN B 273 13.55 -5.80 -15.54
CA ASN B 273 13.64 -5.05 -14.29
C ASN B 273 14.66 -5.62 -13.29
N ASP B 274 15.43 -6.61 -13.75
CA ASP B 274 16.41 -7.25 -12.89
C ASP B 274 17.83 -6.85 -13.26
N PRO B 275 18.43 -5.95 -12.45
CA PRO B 275 19.77 -5.44 -12.76
C PRO B 275 20.85 -6.52 -12.81
N THR B 276 20.57 -7.71 -12.27
CA THR B 276 21.56 -8.79 -12.28
C THR B 276 21.55 -9.52 -13.63
N LYS B 277 20.61 -9.16 -14.48
CA LYS B 277 20.55 -9.71 -15.84
C LYS B 277 20.76 -8.59 -16.87
N PRO B 278 21.99 -8.06 -16.93
CA PRO B 278 22.29 -6.91 -17.79
C PRO B 278 22.13 -7.22 -19.27
N ARG B 279 22.23 -8.50 -19.64
CA ARG B 279 22.12 -8.86 -21.05
C ARG B 279 20.67 -8.91 -21.51
N ALA B 280 19.73 -8.85 -20.57
CA ALA B 280 18.32 -8.96 -20.90
C ALA B 280 17.79 -7.71 -21.64
N LEU B 281 18.41 -6.57 -21.39
CA LEU B 281 18.00 -5.34 -22.08
C LEU B 281 18.47 -5.40 -23.52
N SER B 282 17.85 -4.59 -24.37
CA SER B 282 18.20 -4.57 -25.78
C SER B 282 19.58 -3.99 -26.04
N GLY B 283 19.98 -3.02 -25.21
CA GLY B 283 21.22 -2.29 -25.43
C GLY B 283 21.15 -1.36 -26.63
N LEU B 284 19.95 -1.01 -27.05
CA LEU B 284 19.79 -0.20 -28.27
C LEU B 284 19.97 1.31 -28.06
N SER B 285 19.81 1.77 -26.82
CA SER B 285 19.77 3.20 -26.53
C SER B 285 20.98 4.00 -27.05
N PRO B 286 22.20 3.46 -26.95
CA PRO B 286 23.32 4.19 -27.53
C PRO B 286 23.07 4.48 -29.01
N TYR B 287 22.60 3.48 -29.74
CA TYR B 287 22.37 3.63 -31.18
C TYR B 287 21.17 4.51 -31.46
N LEU B 288 20.09 4.31 -30.70
CA LEU B 288 18.89 5.11 -30.89
C LEU B 288 19.16 6.58 -30.58
N HIS B 289 19.97 6.85 -29.57
CA HIS B 289 20.26 8.23 -29.19
C HIS B 289 20.88 9.02 -30.32
N PHE B 290 21.92 8.44 -30.92
CA PHE B 290 22.65 9.07 -32.00
C PHE B 290 21.98 8.86 -33.34
N GLY B 291 20.95 8.03 -33.36
CA GLY B 291 20.21 7.78 -34.59
C GLY B 291 20.92 6.85 -35.55
N HIS B 292 21.86 6.05 -35.02
CA HIS B 292 22.56 5.07 -35.85
C HIS B 292 21.58 4.02 -36.34
N ILE B 293 20.51 3.82 -35.59
CA ILE B 293 19.42 2.97 -36.04
C ILE B 293 18.09 3.68 -35.86
N SER B 294 17.17 3.40 -36.77
CA SER B 294 15.83 3.97 -36.69
C SER B 294 15.01 3.23 -35.66
N ALA B 295 14.28 3.98 -34.83
CA ALA B 295 13.34 3.38 -33.88
C ALA B 295 12.23 2.67 -34.63
N GLN B 296 11.83 3.25 -35.76
CA GLN B 296 10.79 2.65 -36.58
C GLN B 296 11.26 1.29 -37.09
N ARG B 297 12.50 1.22 -37.55
CA ARG B 297 13.12 -0.05 -37.94
C ARG B 297 13.07 -1.06 -36.79
N CYS B 298 13.47 -0.65 -35.59
CA CYS B 298 13.41 -1.54 -34.43
C CYS B 298 11.98 -2.02 -34.15
N ALA B 299 11.03 -1.09 -34.23
CA ALA B 299 9.62 -1.40 -34.00
C ALA B 299 9.04 -2.31 -35.08
N LEU B 300 9.46 -2.12 -36.33
CA LEU B 300 9.02 -2.98 -37.42
C LEU B 300 9.55 -4.39 -37.25
N GLU B 301 10.84 -4.50 -36.92
CA GLU B 301 11.47 -5.81 -36.79
C GLU B 301 10.91 -6.59 -35.62
N ALA B 302 10.54 -5.88 -34.54
CA ALA B 302 9.94 -6.53 -33.38
C ALA B 302 8.58 -7.11 -33.75
N LYS B 303 7.81 -6.32 -34.50
CA LYS B 303 6.51 -6.76 -35.00
C LYS B 303 6.64 -8.12 -35.69
N LYS B 304 7.67 -8.27 -36.52
CA LYS B 304 7.83 -9.43 -37.38
C LYS B 304 8.17 -10.73 -36.63
N CYS B 305 8.69 -10.60 -35.42
CA CYS B 305 8.97 -11.78 -34.61
C CYS B 305 8.13 -11.79 -33.33
N ARG B 306 6.98 -11.13 -33.40
CA ARG B 306 6.08 -11.03 -32.26
C ARG B 306 5.51 -12.39 -31.85
N HIS B 307 5.16 -13.20 -32.85
CA HIS B 307 4.50 -14.49 -32.60
C HIS B 307 5.33 -15.45 -31.75
N LEU B 308 6.65 -15.26 -31.74
CA LEU B 308 7.51 -16.13 -30.93
C LEU B 308 7.36 -15.84 -29.44
N SER B 309 7.16 -14.56 -29.11
CA SER B 309 6.97 -14.14 -27.73
C SER B 309 6.16 -12.85 -27.66
N PRO B 310 4.83 -12.98 -27.78
CA PRO B 310 3.90 -11.85 -27.90
C PRO B 310 3.90 -10.92 -26.69
N LYS B 311 3.81 -11.48 -25.48
CA LYS B 311 3.76 -10.66 -24.28
C LYS B 311 5.03 -9.83 -24.14
N SER B 312 6.15 -10.43 -24.52
CA SER B 312 7.46 -9.79 -24.41
C SER B 312 7.68 -8.72 -25.49
N VAL B 313 7.30 -9.04 -26.72
CA VAL B 313 7.43 -8.07 -27.81
C VAL B 313 6.53 -6.85 -27.56
N ASP B 314 5.39 -7.07 -26.92
CA ASP B 314 4.48 -5.98 -26.62
C ASP B 314 5.06 -5.06 -25.54
N ALA B 315 5.76 -5.64 -24.58
CA ALA B 315 6.42 -4.84 -23.55
C ALA B 315 7.56 -4.03 -24.15
N PHE B 316 8.29 -4.64 -25.07
CA PHE B 316 9.39 -3.94 -25.75
C PHE B 316 8.87 -2.76 -26.56
N LEU B 317 7.77 -2.96 -27.29
CA LEU B 317 7.19 -1.91 -28.13
C LEU B 317 6.63 -0.76 -27.31
N GLU B 318 6.20 -1.06 -26.09
CA GLU B 318 5.67 -0.05 -25.19
C GLU B 318 6.79 0.91 -24.74
N GLU B 319 7.96 0.35 -24.45
CA GLU B 319 9.08 1.18 -24.03
C GLU B 319 9.70 1.89 -25.22
N LEU B 320 9.82 1.17 -26.34
CA LEU B 320 10.51 1.67 -27.53
C LEU B 320 9.74 2.77 -28.22
N VAL B 321 8.44 2.59 -28.35
CA VAL B 321 7.62 3.58 -29.04
C VAL B 321 6.93 4.53 -28.06
N VAL B 322 6.02 4.00 -27.24
CA VAL B 322 5.23 4.87 -26.36
C VAL B 322 6.07 5.68 -25.36
N ARG B 323 6.89 4.99 -24.56
CA ARG B 323 7.70 5.65 -23.55
C ARG B 323 8.72 6.66 -24.14
N ARG B 324 9.48 6.22 -25.14
CA ARG B 324 10.49 7.09 -25.74
C ARG B 324 9.84 8.31 -26.38
N GLU B 325 8.75 8.09 -27.11
CA GLU B 325 8.17 9.20 -27.86
C GLU B 325 7.38 10.14 -26.95
N LEU B 326 6.94 9.63 -25.81
CA LEU B 326 6.36 10.48 -24.77
C LEU B 326 7.39 11.49 -24.25
N ALA B 327 8.66 11.11 -24.26
CA ALA B 327 9.70 12.04 -23.81
C ALA B 327 9.90 13.17 -24.83
N ASP B 328 9.83 12.85 -26.13
CA ASP B 328 9.88 13.89 -27.15
C ASP B 328 8.67 14.80 -27.01
N ASN B 329 7.51 14.21 -26.76
CA ASN B 329 6.30 14.99 -26.53
C ASN B 329 6.50 16.02 -25.43
N PHE B 330 7.02 15.59 -24.29
CA PHE B 330 7.18 16.50 -23.16
C PHE B 330 8.18 17.62 -23.47
N CYS B 331 9.37 17.26 -23.94
CA CYS B 331 10.39 18.26 -24.24
C CYS B 331 9.96 19.24 -25.34
N TYR B 332 9.21 18.75 -26.33
CA TYR B 332 8.73 19.61 -27.41
C TYR B 332 7.73 20.65 -26.91
N TYR B 333 6.79 20.22 -26.07
CA TYR B 333 5.68 21.07 -25.63
C TYR B 333 5.94 21.83 -24.33
N GLN B 334 6.95 21.40 -23.56
CA GLN B 334 7.29 22.06 -22.31
C GLN B 334 8.70 22.62 -22.39
N PRO B 335 8.81 23.95 -22.56
CA PRO B 335 10.14 24.56 -22.73
C PRO B 335 11.02 24.42 -21.49
N GLN B 336 10.41 24.28 -20.31
CA GLN B 336 11.17 24.10 -19.08
C GLN B 336 11.23 22.64 -18.70
N TYR B 337 11.69 21.81 -19.64
CA TYR B 337 11.65 20.37 -19.47
C TYR B 337 12.73 19.84 -18.53
N ASP B 338 13.56 20.75 -18.03
CA ASP B 338 14.70 20.37 -17.18
C ASP B 338 14.68 21.17 -15.88
N SER B 339 13.48 21.56 -15.47
CA SER B 339 13.31 22.43 -14.32
C SER B 339 12.11 21.99 -13.50
N LEU B 340 12.14 22.27 -12.21
CA LEU B 340 11.00 22.00 -11.35
C LEU B 340 9.77 22.75 -11.86
N SER B 341 9.99 23.88 -12.52
N SER B 341 9.99 23.88 -12.52
CA SER B 341 8.88 24.70 -13.01
CA SER B 341 8.88 24.70 -13.01
C SER B 341 8.18 24.05 -14.20
C SER B 341 8.16 24.03 -14.19
N GLY B 342 8.73 22.93 -14.69
CA GLY B 342 8.14 22.22 -15.80
C GLY B 342 7.33 21.01 -15.35
N ALA B 343 7.40 20.69 -14.06
CA ALA B 343 6.62 19.59 -13.52
C ALA B 343 5.17 20.00 -13.36
N TRP B 344 4.30 19.01 -13.17
CA TRP B 344 2.91 19.30 -12.82
C TRP B 344 2.83 19.97 -11.45
N GLU B 345 1.75 20.74 -11.23
CA GLU B 345 1.60 21.52 -10.00
C GLU B 345 1.65 20.70 -8.71
N TRP B 346 1.04 19.52 -8.70
CA TRP B 346 0.98 18.71 -7.49
C TRP B 346 2.40 18.36 -7.05
N ALA B 347 3.24 18.03 -8.04
CA ALA B 347 4.62 17.63 -7.78
C ALA B 347 5.46 18.80 -7.31
N ARG B 348 5.34 19.93 -8.01
CA ARG B 348 6.11 21.12 -7.63
C ARG B 348 5.74 21.53 -6.21
N LYS B 349 4.44 21.58 -5.94
CA LYS B 349 3.95 21.95 -4.63
C LYS B 349 4.48 21.02 -3.51
N THR B 350 4.38 19.71 -3.73
CA THR B 350 4.75 18.78 -2.66
C THR B 350 6.26 18.82 -2.39
N LEU B 351 7.05 18.98 -3.44
CA LEU B 351 8.51 19.05 -3.28
C LEU B 351 8.90 20.31 -2.52
N MET B 352 8.24 21.42 -2.83
CA MET B 352 8.53 22.66 -2.13
C MET B 352 8.00 22.64 -0.70
N ASP B 353 6.87 21.97 -0.49
CA ASP B 353 6.31 21.82 0.85
C ASP B 353 7.33 21.17 1.76
N HIS B 354 8.13 20.28 1.19
CA HIS B 354 9.05 19.46 1.97
C HIS B 354 10.52 19.83 1.78
N ALA B 355 10.79 20.90 1.05
CA ALA B 355 12.16 21.33 0.82
C ALA B 355 12.92 21.63 2.13
N ALA B 356 12.17 21.97 3.17
CA ALA B 356 12.76 22.33 4.45
C ALA B 356 12.91 21.14 5.40
N ASP B 357 12.41 19.98 5.01
CA ASP B 357 12.57 18.79 5.82
C ASP B 357 14.04 18.45 5.91
N LYS B 358 14.49 18.02 7.08
CA LYS B 358 15.88 17.65 7.25
C LYS B 358 16.17 16.33 6.54
N ARG B 359 17.08 16.36 5.56
CA ARG B 359 17.49 15.15 4.87
C ARG B 359 18.26 14.23 5.80
N GLU B 360 18.09 12.93 5.60
CA GLU B 360 18.75 11.90 6.40
C GLU B 360 20.26 11.97 6.18
N HIS B 361 20.64 12.22 4.94
CA HIS B 361 22.04 12.37 4.58
C HIS B 361 22.12 13.51 3.59
N ILE B 362 23.23 14.23 3.63
CA ILE B 362 23.55 15.21 2.62
C ILE B 362 24.88 14.79 2.01
N TYR B 363 24.89 14.61 0.70
CA TYR B 363 26.14 14.34 -0.01
C TYR B 363 26.40 15.46 -1.01
N THR B 364 27.67 15.84 -1.16
CA THR B 364 28.02 16.87 -2.13
C THR B 364 27.97 16.26 -3.52
N ARG B 365 27.90 17.10 -4.54
CA ARG B 365 27.92 16.59 -5.91
C ARG B 365 29.14 15.71 -6.14
N GLU B 366 30.27 16.13 -5.58
CA GLU B 366 31.50 15.37 -5.73
C GLU B 366 31.42 14.00 -5.07
N GLN B 367 30.85 13.93 -3.87
CA GLN B 367 30.70 12.65 -3.18
C GLN B 367 29.76 11.73 -3.94
N LEU B 368 28.67 12.28 -4.45
CA LEU B 368 27.78 11.49 -5.30
C LEU B 368 28.54 11.02 -6.56
N GLU B 369 29.19 11.94 -7.25
CA GLU B 369 29.88 11.59 -8.49
C GLU B 369 30.87 10.44 -8.27
N ASN B 370 31.53 10.42 -7.11
CA ASN B 370 32.56 9.44 -6.84
C ASN B 370 32.04 8.16 -6.17
N ALA B 371 30.71 8.06 -6.03
CA ALA B 371 30.08 6.89 -5.42
C ALA B 371 30.56 6.69 -3.99
N LYS B 372 30.54 7.78 -3.23
CA LYS B 372 31.02 7.75 -1.87
C LYS B 372 29.89 7.88 -0.84
N THR B 373 28.74 7.26 -1.13
CA THR B 373 27.66 7.27 -0.15
C THR B 373 27.74 6.02 0.75
N HIS B 374 26.85 5.98 1.72
CA HIS B 374 26.77 4.85 2.64
C HIS B 374 26.07 3.66 1.98
N ASP B 375 25.36 3.92 0.88
CA ASP B 375 24.48 2.92 0.27
C ASP B 375 25.20 2.15 -0.83
N PRO B 376 25.56 0.88 -0.58
CA PRO B 376 26.36 0.12 -1.54
C PRO B 376 25.56 -0.16 -2.82
N LEU B 377 24.23 -0.18 -2.75
CA LEU B 377 23.44 -0.36 -3.95
C LEU B 377 23.48 0.89 -4.83
N TRP B 378 23.33 2.05 -4.21
CA TRP B 378 23.40 3.31 -4.95
C TRP B 378 24.79 3.48 -5.56
N ASN B 379 25.81 3.28 -4.74
CA ASN B 379 27.17 3.35 -5.20
C ASN B 379 27.42 2.47 -6.42
N ALA B 380 26.84 1.27 -6.39
CA ALA B 380 26.98 0.38 -7.53
C ALA B 380 26.34 0.97 -8.79
N SER B 381 25.15 1.54 -8.66
CA SER B 381 24.50 2.10 -9.84
C SER B 381 25.32 3.27 -10.41
N GLN B 382 25.90 4.07 -9.52
CA GLN B 382 26.70 5.21 -9.95
C GLN B 382 27.95 4.68 -10.65
N LEU B 383 28.60 3.68 -10.07
CA LEU B 383 29.79 3.11 -10.70
C LEU B 383 29.48 2.41 -12.04
N GLU B 384 28.28 1.84 -12.17
CA GLU B 384 27.95 1.21 -13.42
C GLU B 384 27.92 2.29 -14.49
N MET B 385 27.32 3.43 -14.15
CA MET B 385 27.23 4.52 -15.12
C MET B 385 28.62 5.07 -15.45
N VAL B 386 29.42 5.32 -14.41
CA VAL B 386 30.72 5.95 -14.59
C VAL B 386 31.68 5.12 -15.46
N HIS B 387 31.74 3.81 -15.19
CA HIS B 387 32.72 2.92 -15.82
C HIS B 387 32.20 2.17 -17.04
N HIS B 388 30.92 1.81 -17.02
CA HIS B 388 30.29 1.12 -18.15
C HIS B 388 29.60 2.08 -19.13
N GLY B 389 29.12 3.21 -18.62
CA GLY B 389 28.47 4.21 -19.46
C GLY B 389 27.01 3.93 -19.81
N LYS B 390 26.40 2.96 -19.13
CA LYS B 390 25.00 2.64 -19.32
C LYS B 390 24.49 1.98 -18.06
N MET B 391 23.81 2.76 -17.24
CA MET B 391 23.28 2.25 -15.97
C MET B 391 22.02 1.45 -16.27
N HIS B 392 21.82 0.37 -15.54
CA HIS B 392 20.64 -0.46 -15.77
C HIS B 392 19.38 0.38 -15.60
N GLY B 393 18.45 0.22 -16.54
CA GLY B 393 17.21 0.97 -16.54
C GLY B 393 16.45 1.04 -15.22
N PHE B 394 16.38 -0.08 -14.50
CA PHE B 394 15.63 -0.08 -13.27
C PHE B 394 16.42 0.69 -12.23
N MET B 395 17.73 0.51 -12.23
CA MET B 395 18.56 1.24 -11.29
C MET B 395 18.52 2.75 -11.49
N ARG B 396 18.28 3.20 -12.73
CA ARG B 396 18.22 4.64 -13.00
C ARG B 396 17.14 5.32 -12.16
N MET B 397 16.00 4.66 -11.99
CA MET B 397 14.92 5.16 -11.14
C MET B 397 15.33 5.28 -9.67
N TYR B 398 15.92 4.23 -9.13
CA TYR B 398 16.39 4.22 -7.73
C TYR B 398 17.46 5.28 -7.55
N TRP B 399 18.38 5.29 -8.50
CA TRP B 399 19.52 6.20 -8.48
C TRP B 399 19.09 7.65 -8.36
N ALA B 400 18.16 8.08 -9.21
CA ALA B 400 17.78 9.49 -9.19
C ALA B 400 16.96 9.83 -7.93
N LYS B 401 16.15 8.90 -7.45
CA LYS B 401 15.37 9.17 -6.24
C LYS B 401 16.28 9.37 -5.03
N LYS B 402 17.41 8.64 -4.95
CA LYS B 402 18.27 8.81 -3.78
C LYS B 402 18.95 10.18 -3.83
N ILE B 403 19.17 10.68 -5.04
CA ILE B 403 19.72 12.03 -5.19
C ILE B 403 18.76 13.06 -4.59
N LEU B 404 17.46 12.88 -4.81
CA LEU B 404 16.48 13.73 -4.15
C LEU B 404 16.58 13.55 -2.63
N GLU B 405 16.75 12.30 -2.21
CA GLU B 405 16.78 12.00 -0.79
C GLU B 405 18.00 12.59 -0.08
N TRP B 406 19.10 12.80 -0.80
CA TRP B 406 20.37 13.13 -0.13
C TRP B 406 20.96 14.48 -0.51
N THR B 407 20.13 15.38 -1.03
CA THR B 407 20.63 16.70 -1.40
C THR B 407 19.84 17.78 -0.65
N SER B 408 20.38 19.00 -0.65
CA SER B 408 19.84 20.10 0.14
C SER B 408 18.41 20.51 -0.20
N GLY B 409 18.03 20.42 -1.47
CA GLY B 409 16.68 20.73 -1.90
C GLY B 409 16.42 20.16 -3.27
N PRO B 410 15.14 20.15 -3.71
CA PRO B 410 14.69 19.48 -4.94
C PRO B 410 15.35 20.01 -6.20
N GLU B 411 15.55 21.32 -6.28
CA GLU B 411 16.15 21.91 -7.48
C GLU B 411 17.60 21.45 -7.66
N GLU B 412 18.34 21.45 -6.56
CA GLU B 412 19.71 20.98 -6.59
C GLU B 412 19.73 19.52 -7.01
N ALA B 413 18.76 18.75 -6.51
CA ALA B 413 18.70 17.32 -6.78
C ALA B 413 18.53 17.07 -8.28
N LEU B 414 17.58 17.77 -8.88
CA LEU B 414 17.30 17.64 -10.31
C LEU B 414 18.55 18.03 -11.10
N SER B 415 19.16 19.14 -10.70
CA SER B 415 20.37 19.64 -11.36
C SER B 415 21.49 18.61 -11.34
N THR B 416 21.68 17.97 -10.19
CA THR B 416 22.75 16.98 -10.02
C THR B 416 22.48 15.72 -10.83
N ALA B 417 21.24 15.26 -10.81
CA ALA B 417 20.86 14.06 -11.57
C ALA B 417 21.12 14.28 -13.06
N ILE B 418 20.66 15.42 -13.59
CA ILE B 418 20.87 15.75 -15.00
C ILE B 418 22.37 15.88 -15.33
N TYR B 419 23.13 16.55 -14.46
CA TYR B 419 24.57 16.69 -14.70
C TYR B 419 25.28 15.33 -14.82
N LEU B 420 25.03 14.43 -13.86
CA LEU B 420 25.70 13.12 -13.86
C LEU B 420 25.23 12.24 -15.03
N ASN B 421 23.94 12.23 -15.29
CA ASN B 421 23.39 11.47 -16.40
C ASN B 421 24.03 11.91 -17.72
N ASP B 422 24.11 13.21 -17.94
CA ASP B 422 24.61 13.75 -19.20
C ASP B 422 26.13 13.59 -19.28
N LYS B 423 26.81 13.61 -18.14
CA LYS B 423 28.26 13.48 -18.15
C LYS B 423 28.70 12.06 -18.52
N TYR B 424 28.03 11.07 -17.95
CA TYR B 424 28.53 9.69 -18.02
C TYR B 424 27.75 8.74 -18.93
N GLU B 425 26.44 8.97 -19.11
CA GLU B 425 25.66 8.04 -19.91
C GLU B 425 25.98 8.19 -21.41
N ILE B 426 26.18 7.07 -22.08
CA ILE B 426 26.38 7.10 -23.53
C ILE B 426 25.09 7.50 -24.25
N ASP B 427 23.94 7.25 -23.62
CA ASP B 427 22.67 7.64 -24.19
C ASP B 427 22.11 8.94 -23.64
N GLY B 428 22.92 9.68 -22.89
CA GLY B 428 22.49 10.91 -22.25
C GLY B 428 22.39 12.14 -23.15
N ARG B 429 22.10 13.30 -22.55
CA ARG B 429 21.88 14.53 -23.30
C ARG B 429 20.77 14.27 -24.31
N ASP B 430 19.65 13.77 -23.79
CA ASP B 430 18.60 13.18 -24.60
C ASP B 430 17.26 13.53 -23.97
N PRO B 431 16.22 13.74 -24.79
CA PRO B 431 14.91 14.01 -24.17
C PRO B 431 14.52 12.98 -23.10
N SER B 432 14.89 11.72 -23.32
CA SER B 432 14.57 10.66 -22.35
C SER B 432 15.36 10.76 -21.04
N GLY B 433 16.53 11.40 -21.08
CA GLY B 433 17.29 11.60 -19.86
C GLY B 433 16.67 12.68 -19.01
N TYR B 434 16.29 13.80 -19.64
CA TYR B 434 15.60 14.85 -18.92
C TYR B 434 14.32 14.28 -18.32
N VAL B 435 13.53 13.60 -19.14
CA VAL B 435 12.27 13.04 -18.66
C VAL B 435 12.48 11.96 -17.58
N GLY B 436 13.53 11.15 -17.71
CA GLY B 436 13.84 10.15 -16.70
C GLY B 436 14.11 10.76 -15.34
N CYS B 437 14.94 11.79 -15.35
CA CYS B 437 15.26 12.53 -14.14
C CYS B 437 14.01 13.22 -13.59
N MET B 438 13.22 13.81 -14.49
CA MET B 438 11.96 14.45 -14.08
C MET B 438 10.91 13.49 -13.52
N TRP B 439 10.81 12.29 -14.09
CA TRP B 439 9.92 11.25 -13.55
C TRP B 439 10.37 10.86 -12.14
N SER B 440 11.65 10.58 -12.00
CA SER B 440 12.20 10.13 -10.73
C SER B 440 12.06 11.18 -9.62
N ILE B 441 12.37 12.42 -9.94
CA ILE B 441 12.53 13.43 -8.91
C ILE B 441 11.31 14.35 -8.82
N CYS B 442 10.64 14.56 -9.94
CA CYS B 442 9.49 15.47 -9.99
C CYS B 442 8.16 14.80 -10.32
N GLY B 443 8.15 13.47 -10.34
CA GLY B 443 6.92 12.72 -10.55
C GLY B 443 6.31 12.93 -11.93
N LEU B 444 7.14 13.33 -12.89
CA LEU B 444 6.65 13.61 -14.25
C LEU B 444 6.11 12.31 -14.86
N HIS B 445 4.89 12.39 -15.39
CA HIS B 445 4.20 11.22 -15.97
C HIS B 445 3.87 10.17 -14.91
N ASP B 446 4.01 10.52 -13.65
CA ASP B 446 3.60 9.66 -12.55
C ASP B 446 2.44 10.32 -11.80
N GLN B 447 2.01 9.69 -10.71
CA GLN B 447 1.01 10.31 -9.85
C GLN B 447 1.57 10.45 -8.45
N GLY B 448 0.77 11.07 -7.58
CA GLY B 448 1.11 11.24 -6.18
C GLY B 448 0.86 9.99 -5.37
N TRP B 449 1.71 9.76 -4.38
CA TRP B 449 1.60 8.59 -3.52
C TRP B 449 1.49 9.07 -2.07
N LYS B 450 1.55 8.15 -1.11
CA LYS B 450 1.41 8.52 0.28
C LYS B 450 2.51 9.52 0.66
N GLU B 451 2.09 10.62 1.29
CA GLU B 451 3.02 11.69 1.63
C GLU B 451 4.02 11.28 2.71
N ARG B 452 5.28 11.66 2.52
N ARG B 452 5.28 11.66 2.52
CA ARG B 452 6.34 11.36 3.46
CA ARG B 452 6.34 11.35 3.48
C ARG B 452 7.36 12.48 3.47
C ARG B 452 7.34 12.51 3.48
N PRO B 453 8.25 12.53 4.48
CA PRO B 453 9.23 13.62 4.53
C PRO B 453 10.15 13.65 3.31
N VAL B 454 10.62 14.84 2.96
CA VAL B 454 11.54 15.05 1.83
C VAL B 454 10.90 14.81 0.46
N PHE B 455 10.40 13.59 0.26
CA PHE B 455 9.73 13.24 -0.99
C PHE B 455 8.35 13.88 -1.14
N GLY B 456 7.68 14.12 -0.02
CA GLY B 456 6.28 14.51 -0.07
C GLY B 456 5.53 13.38 -0.75
N LYS B 457 4.75 13.71 -1.76
CA LYS B 457 3.95 12.72 -2.46
C LYS B 457 4.67 12.11 -3.67
N ILE B 458 5.93 12.49 -3.90
CA ILE B 458 6.69 11.89 -4.98
C ILE B 458 6.95 10.41 -4.69
N ARG B 459 6.74 9.56 -5.67
CA ARG B 459 6.92 8.12 -5.47
C ARG B 459 8.26 7.79 -4.79
N TYR B 460 8.21 7.03 -3.70
CA TYR B 460 9.41 6.61 -2.97
C TYR B 460 9.86 5.21 -3.39
N MET B 461 11.17 5.01 -3.45
CA MET B 461 11.75 3.69 -3.66
C MET B 461 12.84 3.54 -2.60
N ASN B 462 13.07 2.34 -2.11
CA ASN B 462 14.10 2.17 -1.09
C ASN B 462 14.90 0.88 -1.23
N TYR B 463 15.98 0.81 -0.46
CA TYR B 463 16.87 -0.34 -0.46
C TYR B 463 16.12 -1.65 -0.18
N ALA B 464 15.28 -1.65 0.86
CA ALA B 464 14.51 -2.85 1.19
C ALA B 464 13.65 -3.35 0.04
N GLY B 465 12.97 -2.44 -0.66
CA GLY B 465 12.16 -2.80 -1.80
C GLY B 465 13.00 -3.48 -2.88
N CYS B 466 14.21 -2.98 -3.09
CA CYS B 466 15.10 -3.57 -4.08
C CYS B 466 15.48 -5.00 -3.68
N LYS B 467 15.78 -5.21 -2.41
CA LYS B 467 16.11 -6.54 -1.90
C LYS B 467 15.00 -7.57 -2.10
N ARG B 468 13.74 -7.13 -2.02
CA ARG B 468 12.60 -8.01 -2.24
C ARG B 468 12.45 -8.41 -3.71
N LYS B 469 13.00 -7.58 -4.60
CA LYS B 469 12.80 -7.75 -6.03
C LYS B 469 13.93 -8.51 -6.73
N PHE B 470 15.16 -8.30 -6.30
CA PHE B 470 16.29 -8.97 -6.92
C PHE B 470 17.47 -9.17 -5.97
N ASP B 471 18.46 -9.94 -6.42
CA ASP B 471 19.64 -10.20 -5.62
C ASP B 471 20.54 -8.97 -5.61
N VAL B 472 20.27 -8.05 -4.68
CA VAL B 472 21.06 -6.83 -4.58
C VAL B 472 22.55 -7.10 -4.44
N ASP B 473 22.93 -8.11 -3.65
CA ASP B 473 24.33 -8.43 -3.44
C ASP B 473 25.04 -8.79 -4.73
N ALA B 474 24.36 -9.57 -5.57
CA ALA B 474 24.92 -9.97 -6.85
C ALA B 474 25.17 -8.77 -7.78
N TYR B 475 24.20 -7.85 -7.86
CA TYR B 475 24.41 -6.63 -8.63
C TYR B 475 25.63 -5.85 -8.11
N ILE B 476 25.72 -5.69 -6.81
CA ILE B 476 26.83 -4.96 -6.24
C ILE B 476 28.18 -5.60 -6.63
N SER B 477 28.27 -6.93 -6.56
CA SER B 477 29.52 -7.61 -6.91
C SER B 477 29.80 -7.57 -8.42
N TYR B 478 28.74 -7.63 -9.23
CA TYR B 478 28.90 -7.50 -10.67
C TYR B 478 29.54 -6.16 -11.02
N VAL B 479 29.06 -5.08 -10.40
CA VAL B 479 29.64 -3.76 -10.65
C VAL B 479 31.07 -3.70 -10.11
N LYS B 480 31.30 -4.34 -8.97
CA LYS B 480 32.64 -4.44 -8.41
C LYS B 480 33.65 -4.91 -9.44
N ARG B 481 33.32 -5.98 -10.13
CA ARG B 481 34.22 -6.57 -11.13
C ARG B 481 34.39 -5.64 -12.32
N LEU B 482 33.26 -5.12 -12.80
CA LEU B 482 33.26 -4.19 -13.92
C LEU B 482 34.20 -3.01 -13.65
N ALA B 483 34.05 -2.40 -12.47
CA ALA B 483 34.85 -1.24 -12.08
C ALA B 483 36.31 -1.61 -11.82
N GLY B 484 36.54 -2.85 -11.41
CA GLY B 484 37.89 -3.33 -11.18
C GLY B 484 38.70 -3.36 -12.46
N GLN B 485 38.03 -3.68 -13.56
CA GLN B 485 38.67 -3.70 -14.87
C GLN B 485 39.24 -2.32 -15.23
N SER B 486 38.36 -1.34 -15.37
CA SER B 486 38.75 0.02 -15.72
C SER B 486 39.36 0.76 -14.53
#